data_2ZNH
#
_entry.id   2ZNH
#
_cell.length_a   71.350
_cell.length_b   99.880
_cell.length_c   92.460
_cell.angle_alpha   90.00
_cell.angle_beta   100.62
_cell.angle_gamma   90.00
#
_symmetry.space_group_name_H-M   'P 1 21 1'
#
loop_
_entity.id
_entity.type
_entity.pdbx_description
1 polymer Antithrombin-III
2 branched 2-acetamido-2-deoxy-beta-D-glucopyranose-(1-4)-2-acetamido-2-deoxy-beta-D-glucopyranose
3 branched alpha-D-mannopyranose-(1-4)-2-acetamido-2-deoxy-beta-D-glucopyranose-(1-4)-2-acetamido-2-deoxy-beta-D-glucopyranose
4 non-polymer 2-acetamido-2-deoxy-beta-D-glucopyranose
5 non-polymer 'CITRIC ACID'
6 water water
#
_entity_poly.entity_id   1
_entity_poly.type   'polypeptide(L)'
_entity_poly.pdbx_seq_one_letter_code
;HGSPVDICTAKPRDIPMNPMCIYRSPEKKATEDEGSEQKIPEATNRRVWELSKANSRFATTFYQHLADSKNDNDNIFLSP
LSISTAFAMTKLGACNDTLQQLMEVFKFDTISEKTSDQIHFFFAKLNCRLYRKANKSSKLVSANRLFGDKSLTFNETYQD
ISELVYGAKLQPLDFKENAEQSRAAINKWVSNKTEGRITDVIPSEAINELTVLVLVNTIYFKGLWKSKFSPENTRKELFY
KADGESCSASMMYQEGKFRYRRVAEGTQVLELPFKGDDITMVLILPKPEKSLAKVEKELTPEVLQEWLDELEEMMLVVHM
PRFRIEDGFSLKEQLQDMGLVDLFSPEKSKLPGIVAEGRDDLYVSDAFHKAFLEVNEEGSEAAASTAVVIAGRSLNPNRV
TFKANRPFLVFIREVPLNTIIFMGRVANPCVK
;
_entity_poly.pdbx_strand_id   A,B
#
loop_
_chem_comp.id
_chem_comp.type
_chem_comp.name
_chem_comp.formula
CIT non-polymer 'CITRIC ACID' 'C6 H8 O7'
MAN D-saccharide, alpha linking alpha-D-mannopyranose 'C6 H12 O6'
NAG D-saccharide, beta linking 2-acetamido-2-deoxy-beta-D-glucopyranose 'C8 H15 N O6'
#
# COMPACT_ATOMS: atom_id res chain seq x y z
N HIS A 1 -29.08 -41.45 4.74
CA HIS A 1 -27.83 -41.94 4.09
C HIS A 1 -27.05 -40.85 3.35
N GLY A 2 -27.76 -39.93 2.71
CA GLY A 2 -27.06 -38.87 2.01
C GLY A 2 -27.57 -37.48 2.27
N SER A 3 -26.79 -36.66 2.98
CA SER A 3 -27.20 -35.28 3.26
C SER A 3 -26.16 -34.30 2.72
N PRO A 4 -26.56 -33.49 1.73
CA PRO A 4 -25.69 -32.49 1.09
C PRO A 4 -24.97 -31.62 2.10
N VAL A 5 -23.67 -31.43 1.89
CA VAL A 5 -22.89 -30.59 2.79
C VAL A 5 -23.29 -29.16 2.50
N ASP A 6 -23.97 -28.52 3.45
CA ASP A 6 -24.41 -27.14 3.27
C ASP A 6 -23.82 -26.21 4.33
N ILE A 7 -22.96 -25.32 3.87
CA ILE A 7 -22.28 -24.39 4.77
C ILE A 7 -23.18 -23.36 5.44
N CYS A 8 -24.23 -22.92 4.77
CA CYS A 8 -25.13 -21.93 5.39
C CYS A 8 -25.64 -22.47 6.73
N THR A 9 -25.72 -23.80 6.83
CA THR A 9 -26.22 -24.48 8.01
C THR A 9 -25.11 -24.76 9.02
N ALA A 10 -24.07 -25.43 8.53
CA ALA A 10 -22.92 -25.86 9.32
C ALA A 10 -22.22 -24.87 10.24
N LYS A 11 -21.42 -25.43 11.14
CA LYS A 11 -20.64 -24.67 12.09
C LYS A 11 -19.18 -24.82 11.63
N PRO A 12 -18.27 -23.96 12.12
CA PRO A 12 -16.87 -24.05 11.72
C PRO A 12 -16.30 -25.47 11.66
N ARG A 13 -16.61 -26.28 12.68
CA ARG A 13 -16.11 -27.64 12.74
C ARG A 13 -16.61 -28.53 11.58
N ASP A 14 -17.92 -28.57 11.39
CA ASP A 14 -18.52 -29.38 10.33
C ASP A 14 -17.85 -29.22 8.96
N ILE A 15 -17.58 -27.99 8.56
CA ILE A 15 -16.95 -27.72 7.27
C ILE A 15 -15.44 -27.82 7.33
N PRO A 16 -14.86 -28.90 6.76
CA PRO A 16 -13.41 -29.10 6.75
C PRO A 16 -12.75 -28.16 5.75
N MET A 17 -12.15 -27.08 6.23
CA MET A 17 -11.51 -26.12 5.34
C MET A 17 -10.00 -26.08 5.48
N ASN A 18 -9.32 -26.59 4.46
CA ASN A 18 -7.86 -26.62 4.48
C ASN A 18 -7.26 -26.11 3.19
N PRO A 19 -6.83 -24.84 3.19
CA PRO A 19 -6.23 -24.27 1.99
C PRO A 19 -4.74 -24.64 1.99
N MET A 20 -4.09 -24.46 0.85
CA MET A 20 -2.67 -24.76 0.72
C MET A 20 -1.85 -24.09 1.83
N CYS A 21 -2.08 -22.79 2.03
CA CYS A 21 -1.34 -22.02 3.02
C CYS A 21 -2.26 -21.27 3.98
N ILE A 22 -1.67 -20.73 5.04
CA ILE A 22 -2.43 -19.98 6.03
C ILE A 22 -1.63 -18.75 6.42
N TYR A 23 -2.32 -17.74 6.95
CA TYR A 23 -1.66 -16.52 7.42
C TYR A 23 -2.29 -16.14 8.76
N ARG A 24 -1.46 -15.94 9.77
CA ARG A 24 -1.94 -15.57 11.10
C ARG A 24 -2.00 -14.04 11.23
N SER A 25 -3.22 -13.50 11.27
CA SER A 25 -3.43 -12.06 11.37
C SER A 25 -3.58 -11.52 12.81
N PRO A 26 -2.84 -10.45 13.15
CA PRO A 26 -2.84 -9.80 14.47
C PRO A 26 -4.20 -9.76 15.15
N THR A 44 -22.21 -15.76 17.99
CA THR A 44 -21.04 -14.96 17.63
C THR A 44 -20.97 -14.63 16.12
N ASN A 45 -22.08 -14.10 15.59
CA ASN A 45 -22.17 -13.71 14.18
C ASN A 45 -21.52 -12.34 14.06
N ARG A 46 -20.57 -12.08 14.96
CA ARG A 46 -19.83 -10.83 14.97
C ARG A 46 -18.90 -10.91 13.76
N ARG A 47 -18.58 -12.13 13.37
CA ARG A 47 -17.70 -12.39 12.24
C ARG A 47 -18.34 -11.90 10.95
N VAL A 48 -19.49 -12.46 10.57
CA VAL A 48 -20.16 -12.01 9.37
C VAL A 48 -20.18 -10.49 9.39
N TRP A 49 -20.41 -9.94 10.58
CA TRP A 49 -20.44 -8.49 10.75
C TRP A 49 -19.05 -7.91 10.47
N GLU A 50 -18.05 -8.44 11.15
CA GLU A 50 -16.68 -7.98 10.97
C GLU A 50 -16.22 -8.08 9.53
N LEU A 51 -16.73 -9.08 8.80
CA LEU A 51 -16.35 -9.23 7.41
C LEU A 51 -16.97 -8.13 6.56
N SER A 52 -18.23 -7.79 6.82
CA SER A 52 -18.87 -6.74 6.04
C SER A 52 -18.13 -5.43 6.27
N LYS A 53 -17.68 -5.20 7.50
CA LYS A 53 -16.95 -3.98 7.80
C LYS A 53 -15.71 -3.92 6.92
N ALA A 54 -14.96 -5.03 6.92
CA ALA A 54 -13.76 -5.13 6.12
C ALA A 54 -14.08 -4.83 4.66
N ASN A 55 -15.09 -5.49 4.11
CA ASN A 55 -15.45 -5.24 2.72
C ASN A 55 -15.73 -3.76 2.57
N SER A 56 -16.56 -3.20 3.46
CA SER A 56 -16.89 -1.79 3.37
C SER A 56 -15.66 -0.89 3.40
N ARG A 57 -14.66 -1.28 4.17
CA ARG A 57 -13.44 -0.50 4.26
C ARG A 57 -12.65 -0.59 2.96
N PHE A 58 -12.74 -1.72 2.27
CA PHE A 58 -12.04 -1.88 1.00
C PHE A 58 -12.80 -1.02 0.01
N ALA A 59 -14.13 -1.12 0.07
CA ALA A 59 -15.03 -0.38 -0.80
C ALA A 59 -14.67 1.11 -0.88
N THR A 60 -14.69 1.79 0.26
CA THR A 60 -14.38 3.22 0.29
C THR A 60 -12.95 3.49 -0.16
N THR A 61 -12.02 2.73 0.38
CA THR A 61 -10.61 2.89 0.03
C THR A 61 -10.43 2.81 -1.48
N PHE A 62 -10.91 1.71 -2.05
CA PHE A 62 -10.81 1.47 -3.48
C PHE A 62 -11.48 2.57 -4.31
N TYR A 63 -12.68 2.98 -3.92
CA TYR A 63 -13.42 4.01 -4.64
C TYR A 63 -12.64 5.30 -4.73
N GLN A 64 -12.12 5.74 -3.58
CA GLN A 64 -11.34 6.97 -3.52
C GLN A 64 -10.18 6.93 -4.49
N HIS A 65 -9.52 5.77 -4.56
CA HIS A 65 -8.38 5.62 -5.46
C HIS A 65 -8.84 5.63 -6.91
N LEU A 66 -9.97 4.99 -7.17
CA LEU A 66 -10.49 4.93 -8.52
C LEU A 66 -10.90 6.33 -8.96
N ALA A 67 -11.73 7.00 -8.15
CA ALA A 67 -12.20 8.34 -8.46
C ALA A 67 -11.02 9.28 -8.70
N ASP A 68 -9.96 9.05 -7.96
CA ASP A 68 -8.75 9.85 -8.05
C ASP A 68 -8.11 9.83 -9.45
N SER A 69 -8.06 8.66 -10.08
CA SER A 69 -7.45 8.55 -11.40
C SER A 69 -8.41 8.79 -12.56
N LYS A 70 -9.56 9.40 -12.30
CA LYS A 70 -10.51 9.66 -13.37
C LYS A 70 -10.84 11.14 -13.42
N ASN A 71 -11.58 11.54 -14.45
CA ASN A 71 -11.97 12.93 -14.63
C ASN A 71 -13.27 13.13 -13.87
N ASP A 72 -13.33 14.18 -13.04
CA ASP A 72 -14.53 14.46 -12.25
C ASP A 72 -15.79 14.59 -13.08
N ASN A 73 -15.63 14.59 -14.40
CA ASN A 73 -16.75 14.71 -15.31
C ASN A 73 -17.27 13.35 -15.79
N ASP A 74 -16.55 12.28 -15.45
CA ASP A 74 -16.96 10.95 -15.85
C ASP A 74 -17.72 10.23 -14.75
N ASN A 75 -18.71 9.43 -15.14
CA ASN A 75 -19.49 8.67 -14.17
C ASN A 75 -18.63 7.53 -13.67
N ILE A 76 -19.02 6.96 -12.53
CA ILE A 76 -18.28 5.83 -11.98
C ILE A 76 -19.27 4.82 -11.42
N PHE A 77 -19.06 3.55 -11.70
CA PHE A 77 -19.95 2.55 -11.14
C PHE A 77 -19.29 1.19 -11.06
N LEU A 78 -19.34 0.62 -9.86
CA LEU A 78 -18.74 -0.68 -9.60
C LEU A 78 -19.48 -1.38 -8.49
N SER A 79 -19.10 -2.63 -8.26
CA SER A 79 -19.65 -3.43 -7.19
C SER A 79 -18.45 -3.88 -6.37
N PRO A 80 -18.13 -3.14 -5.30
CA PRO A 80 -16.97 -3.55 -4.50
C PRO A 80 -17.07 -4.99 -3.96
N LEU A 81 -18.28 -5.39 -3.59
CA LEU A 81 -18.51 -6.73 -3.06
C LEU A 81 -18.07 -7.76 -4.09
N SER A 82 -18.39 -7.49 -5.36
CA SER A 82 -18.02 -8.39 -6.45
C SER A 82 -16.52 -8.56 -6.57
N ILE A 83 -15.77 -7.46 -6.45
CA ILE A 83 -14.31 -7.54 -6.54
C ILE A 83 -13.79 -8.31 -5.32
N SER A 84 -14.26 -7.93 -4.14
CA SER A 84 -13.84 -8.61 -2.91
C SER A 84 -14.08 -10.12 -3.03
N THR A 85 -15.23 -10.50 -3.58
CA THR A 85 -15.54 -11.91 -3.72
C THR A 85 -14.51 -12.60 -4.65
N ALA A 86 -14.38 -12.12 -5.88
CA ALA A 86 -13.45 -12.71 -6.84
C ALA A 86 -12.03 -12.82 -6.33
N PHE A 87 -11.54 -11.77 -5.68
CA PHE A 87 -10.18 -11.87 -5.18
C PHE A 87 -10.09 -12.78 -3.96
N ALA A 88 -11.22 -12.97 -3.27
CA ALA A 88 -11.23 -13.88 -2.12
C ALA A 88 -11.16 -15.31 -2.67
N MET A 89 -11.79 -15.53 -3.81
CA MET A 89 -11.76 -16.84 -4.45
C MET A 89 -10.34 -17.13 -4.94
N THR A 90 -9.68 -16.09 -5.43
CA THR A 90 -8.33 -16.20 -5.95
C THR A 90 -7.37 -16.46 -4.79
N LYS A 91 -7.75 -15.98 -3.61
CA LYS A 91 -6.92 -16.13 -2.42
C LYS A 91 -6.83 -17.59 -1.94
N LEU A 92 -7.74 -18.44 -2.38
CA LEU A 92 -7.74 -19.83 -1.97
C LEU A 92 -6.48 -20.60 -2.34
N GLY A 93 -5.80 -20.17 -3.39
CA GLY A 93 -4.60 -20.87 -3.80
C GLY A 93 -3.34 -20.04 -3.59
N ALA A 94 -3.46 -18.92 -2.90
CA ALA A 94 -2.32 -18.04 -2.66
C ALA A 94 -1.43 -18.54 -1.54
N CYS A 95 -0.23 -17.98 -1.45
CA CYS A 95 0.71 -18.39 -0.43
C CYS A 95 1.78 -17.37 -0.14
N ASN A 96 2.39 -17.49 1.03
CA ASN A 96 3.45 -16.57 1.44
C ASN A 96 3.01 -15.14 1.21
N ASP A 97 3.93 -14.35 0.67
CA ASP A 97 3.66 -12.94 0.43
C ASP A 97 2.46 -12.61 -0.44
N THR A 98 2.13 -13.49 -1.38
CA THR A 98 1.00 -13.23 -2.22
C THR A 98 -0.28 -13.24 -1.37
N LEU A 99 -0.35 -14.19 -0.43
CA LEU A 99 -1.50 -14.35 0.47
C LEU A 99 -1.61 -13.25 1.50
N GLN A 100 -0.47 -12.80 2.03
CA GLN A 100 -0.50 -11.72 3.02
C GLN A 100 -1.03 -10.44 2.38
N GLN A 101 -0.38 -10.02 1.28
CA GLN A 101 -0.80 -8.82 0.55
C GLN A 101 -2.31 -8.89 0.29
N LEU A 102 -2.74 -10.02 -0.24
CA LEU A 102 -4.16 -10.23 -0.53
C LEU A 102 -4.98 -10.01 0.74
N MET A 103 -4.51 -10.55 1.87
CA MET A 103 -5.22 -10.38 3.14
C MET A 103 -5.31 -8.92 3.53
N GLU A 104 -4.20 -8.22 3.38
CA GLU A 104 -4.12 -6.82 3.74
C GLU A 104 -4.83 -5.89 2.76
N VAL A 105 -4.49 -5.96 1.47
CA VAL A 105 -5.14 -5.07 0.51
C VAL A 105 -6.66 -5.14 0.58
N PHE A 106 -7.23 -6.30 0.91
CA PHE A 106 -8.68 -6.42 1.00
C PHE A 106 -9.24 -6.28 2.41
N LYS A 107 -8.38 -5.83 3.31
CA LYS A 107 -8.77 -5.60 4.70
C LYS A 107 -9.35 -6.80 5.44
N PHE A 108 -9.02 -8.01 4.98
CA PHE A 108 -9.51 -9.22 5.64
C PHE A 108 -8.71 -9.42 6.93
N ASP A 109 -7.52 -8.84 6.98
CA ASP A 109 -6.64 -8.98 8.12
C ASP A 109 -7.10 -8.15 9.31
N THR A 110 -8.29 -7.56 9.22
CA THR A 110 -8.80 -6.76 10.32
C THR A 110 -9.90 -7.51 11.03
N ILE A 111 -10.14 -8.75 10.60
CA ILE A 111 -11.17 -9.58 11.21
C ILE A 111 -10.56 -10.29 12.40
N SER A 112 -11.10 -10.01 13.58
CA SER A 112 -10.61 -10.61 14.82
C SER A 112 -10.70 -12.12 14.77
N GLU A 113 -9.71 -12.75 14.13
CA GLU A 113 -9.64 -14.20 14.02
C GLU A 113 -8.16 -14.59 14.16
N LYS A 114 -7.73 -15.64 13.47
CA LYS A 114 -6.34 -16.06 13.59
C LYS A 114 -5.72 -16.61 12.29
N THR A 115 -6.44 -17.51 11.63
CA THR A 115 -5.94 -18.11 10.40
C THR A 115 -6.66 -17.59 9.15
N SER A 116 -5.89 -17.34 8.11
CA SER A 116 -6.39 -16.81 6.84
C SER A 116 -7.52 -17.62 6.21
N ASP A 117 -7.65 -18.88 6.61
CA ASP A 117 -8.68 -19.76 6.04
C ASP A 117 -10.09 -19.52 6.59
N GLN A 118 -10.19 -19.01 7.80
CA GLN A 118 -11.49 -18.76 8.39
C GLN A 118 -12.31 -17.70 7.66
N ILE A 119 -11.67 -16.77 6.91
CA ILE A 119 -12.49 -15.79 6.20
C ILE A 119 -13.35 -16.41 5.08
N HIS A 120 -12.92 -17.45 4.44
CA HIS A 120 -13.76 -18.08 3.41
C HIS A 120 -15.04 -18.69 4.06
N PHE A 121 -14.93 -19.02 5.34
CA PHE A 121 -16.08 -19.58 6.05
C PHE A 121 -17.07 -18.48 6.38
N PHE A 122 -16.54 -17.31 6.74
CA PHE A 122 -17.39 -16.16 7.05
C PHE A 122 -17.99 -15.53 5.79
N PHE A 123 -17.20 -15.52 4.72
CA PHE A 123 -17.65 -14.96 3.46
C PHE A 123 -18.83 -15.81 2.96
N ALA A 124 -18.77 -17.12 3.21
CA ALA A 124 -19.84 -18.03 2.79
C ALA A 124 -21.09 -17.71 3.62
N LYS A 125 -20.90 -17.50 4.93
CA LYS A 125 -22.02 -17.19 5.80
C LYS A 125 -22.70 -15.90 5.34
N LEU A 126 -21.92 -14.90 4.95
CA LEU A 126 -22.45 -13.62 4.48
C LEU A 126 -23.17 -13.78 3.13
N ASN A 127 -22.58 -14.52 2.20
CA ASN A 127 -23.21 -14.72 0.90
C ASN A 127 -24.54 -15.45 1.09
N CYS A 128 -24.62 -16.27 2.15
CA CYS A 128 -25.84 -17.00 2.43
C CYS A 128 -26.96 -16.03 2.79
N ARG A 129 -26.70 -15.15 3.76
CA ARG A 129 -27.67 -14.16 4.21
C ARG A 129 -28.07 -13.23 3.07
N LEU A 130 -27.08 -12.76 2.32
CA LEU A 130 -27.34 -11.85 1.21
C LEU A 130 -28.24 -12.36 0.10
N TYR A 131 -27.88 -13.51 -0.48
CA TYR A 131 -28.62 -14.05 -1.61
C TYR A 131 -29.74 -15.02 -1.29
N ARG A 132 -30.23 -14.96 -0.04
CA ARG A 132 -31.33 -15.77 0.49
C ARG A 132 -30.89 -16.66 1.65
N SER A 138 -37.46 -8.06 -3.48
CA SER A 138 -36.43 -7.63 -4.42
C SER A 138 -35.46 -8.76 -4.83
N LYS A 139 -35.01 -8.72 -6.07
CA LYS A 139 -34.11 -9.74 -6.59
C LYS A 139 -32.64 -9.37 -6.50
N LEU A 140 -31.90 -10.15 -5.71
CA LEU A 140 -30.46 -9.98 -5.55
C LEU A 140 -29.79 -11.35 -5.63
N VAL A 141 -29.17 -11.62 -6.78
CA VAL A 141 -28.52 -12.90 -7.00
C VAL A 141 -27.01 -12.75 -7.27
N SER A 142 -26.30 -13.87 -7.16
CA SER A 142 -24.86 -13.91 -7.42
C SER A 142 -24.44 -15.29 -7.88
N ALA A 143 -23.52 -15.35 -8.84
CA ALA A 143 -23.03 -16.63 -9.35
C ALA A 143 -21.53 -16.55 -9.58
N ASN A 144 -20.79 -17.56 -9.13
CA ASN A 144 -19.34 -17.62 -9.30
C ASN A 144 -18.95 -18.92 -10.01
N ARG A 145 -17.97 -18.83 -10.91
CA ARG A 145 -17.52 -20.02 -11.65
C ARG A 145 -16.03 -19.96 -12.00
N LEU A 146 -15.40 -21.14 -12.09
CA LEU A 146 -13.99 -21.21 -12.44
C LEU A 146 -13.88 -21.82 -13.83
N PHE A 147 -13.10 -21.20 -14.70
CA PHE A 147 -12.91 -21.72 -16.04
C PHE A 147 -11.44 -22.05 -16.22
N GLY A 148 -11.10 -23.32 -16.14
CA GLY A 148 -9.71 -23.73 -16.30
C GLY A 148 -9.47 -24.40 -17.64
N ASP A 149 -8.20 -24.51 -18.03
CA ASP A 149 -7.86 -25.14 -19.30
C ASP A 149 -8.14 -26.65 -19.17
N LYS A 150 -8.70 -27.25 -20.20
CA LYS A 150 -9.04 -28.67 -20.15
C LYS A 150 -7.85 -29.62 -20.06
N SER A 151 -6.70 -29.23 -20.62
CA SER A 151 -5.53 -30.09 -20.60
C SER A 151 -4.83 -30.18 -19.25
N LEU A 152 -5.12 -29.27 -18.34
CA LEU A 152 -4.47 -29.31 -17.04
C LEU A 152 -5.26 -30.05 -15.98
N THR A 153 -4.58 -30.44 -14.90
CA THR A 153 -5.22 -31.14 -13.79
C THR A 153 -5.23 -30.18 -12.61
N PHE A 154 -6.42 -29.83 -12.12
CA PHE A 154 -6.51 -28.90 -11.00
C PHE A 154 -6.60 -29.61 -9.67
N ASN A 155 -5.90 -29.07 -8.67
CA ASN A 155 -5.89 -29.63 -7.33
C ASN A 155 -7.32 -29.86 -6.85
N GLU A 156 -7.60 -31.09 -6.41
CA GLU A 156 -8.92 -31.49 -5.93
C GLU A 156 -9.47 -30.70 -4.73
N THR A 157 -8.64 -30.50 -3.71
CA THR A 157 -9.07 -29.75 -2.54
C THR A 157 -9.45 -28.31 -2.92
N TYR A 158 -8.61 -27.68 -3.73
CA TYR A 158 -8.85 -26.32 -4.18
C TYR A 158 -10.20 -26.26 -4.88
N GLN A 159 -10.43 -27.26 -5.72
CA GLN A 159 -11.65 -27.37 -6.48
C GLN A 159 -12.84 -27.58 -5.57
N ASP A 160 -12.65 -28.43 -4.56
CA ASP A 160 -13.73 -28.70 -3.61
C ASP A 160 -14.09 -27.48 -2.78
N ILE A 161 -13.08 -26.81 -2.23
CA ILE A 161 -13.32 -25.63 -1.42
C ILE A 161 -13.95 -24.47 -2.20
N SER A 162 -13.61 -24.32 -3.47
CA SER A 162 -14.19 -23.25 -4.26
C SER A 162 -15.65 -23.56 -4.57
N GLU A 163 -16.00 -24.84 -4.59
CA GLU A 163 -17.38 -25.23 -4.86
C GLU A 163 -18.24 -25.12 -3.60
N LEU A 164 -17.62 -25.48 -2.47
CA LEU A 164 -18.28 -25.45 -1.19
C LEU A 164 -18.55 -24.02 -0.70
N VAL A 165 -17.49 -23.22 -0.66
CA VAL A 165 -17.54 -21.85 -0.18
C VAL A 165 -18.17 -20.81 -1.08
N TYR A 166 -17.83 -20.82 -2.37
CA TYR A 166 -18.38 -19.83 -3.30
C TYR A 166 -19.27 -20.44 -4.38
N GLY A 167 -19.50 -21.74 -4.27
CA GLY A 167 -20.32 -22.42 -5.25
C GLY A 167 -19.74 -22.22 -6.63
N ALA A 168 -18.40 -22.25 -6.70
CA ALA A 168 -17.73 -22.07 -7.97
C ALA A 168 -17.29 -23.43 -8.51
N LYS A 169 -17.99 -23.90 -9.54
CA LYS A 169 -17.66 -25.17 -10.16
C LYS A 169 -16.64 -24.88 -11.25
N LEU A 170 -15.85 -25.89 -11.63
CA LEU A 170 -14.81 -25.72 -12.63
C LEU A 170 -15.20 -26.21 -14.02
N GLN A 171 -15.50 -25.28 -14.92
CA GLN A 171 -15.88 -25.64 -16.29
C GLN A 171 -14.59 -25.66 -17.13
N PRO A 172 -14.36 -26.74 -17.88
CA PRO A 172 -13.14 -26.79 -18.70
C PRO A 172 -13.32 -26.03 -20.01
N LEU A 173 -12.27 -25.35 -20.46
CA LEU A 173 -12.28 -24.61 -21.71
C LEU A 173 -10.94 -24.87 -22.39
N ASP A 174 -10.90 -24.66 -23.70
CA ASP A 174 -9.67 -24.90 -24.43
C ASP A 174 -8.92 -23.61 -24.71
N PHE A 175 -8.24 -23.09 -23.69
CA PHE A 175 -7.46 -21.85 -23.83
C PHE A 175 -6.28 -22.12 -24.74
N LYS A 176 -5.56 -23.17 -24.36
CA LYS A 176 -4.37 -23.62 -25.05
C LYS A 176 -4.52 -23.75 -26.57
N GLU A 177 -5.75 -23.91 -27.04
CA GLU A 177 -5.99 -24.08 -28.48
C GLU A 177 -7.06 -23.16 -29.08
N ASN A 178 -8.04 -22.75 -28.28
CA ASN A 178 -9.11 -21.89 -28.74
C ASN A 178 -9.42 -20.76 -27.76
N ALA A 179 -8.48 -19.85 -27.62
CA ALA A 179 -8.66 -18.74 -26.70
C ALA A 179 -9.90 -17.91 -27.05
N GLU A 180 -9.91 -17.29 -28.22
CA GLU A 180 -11.03 -16.46 -28.66
C GLU A 180 -12.41 -17.09 -28.46
N GLN A 181 -12.52 -18.38 -28.72
CA GLN A 181 -13.79 -19.08 -28.55
C GLN A 181 -14.11 -19.18 -27.04
N SER A 182 -13.10 -19.53 -26.24
CA SER A 182 -13.29 -19.65 -24.80
C SER A 182 -13.69 -18.29 -24.22
N ARG A 183 -13.09 -17.23 -24.73
CA ARG A 183 -13.42 -15.90 -24.25
C ARG A 183 -14.90 -15.69 -24.44
N ALA A 184 -15.35 -15.89 -25.68
CA ALA A 184 -16.76 -15.72 -26.02
C ALA A 184 -17.65 -16.52 -25.07
N ALA A 185 -17.19 -17.72 -24.71
CA ALA A 185 -17.92 -18.60 -23.82
C ALA A 185 -18.10 -17.99 -22.44
N ILE A 186 -16.98 -17.61 -21.81
CA ILE A 186 -17.05 -17.00 -20.49
C ILE A 186 -17.94 -15.77 -20.51
N ASN A 187 -17.73 -14.88 -21.49
CA ASN A 187 -18.54 -13.67 -21.58
C ASN A 187 -20.02 -13.94 -21.72
N LYS A 188 -20.38 -15.02 -22.42
CA LYS A 188 -21.80 -15.36 -22.60
C LYS A 188 -22.40 -15.84 -21.29
N TRP A 189 -21.62 -16.56 -20.49
CA TRP A 189 -22.07 -17.04 -19.19
C TRP A 189 -22.31 -15.83 -18.28
N VAL A 190 -21.40 -14.87 -18.33
CA VAL A 190 -21.54 -13.67 -17.51
C VAL A 190 -22.80 -12.94 -17.96
N SER A 191 -22.99 -12.88 -19.27
CA SER A 191 -24.17 -12.24 -19.83
C SER A 191 -25.42 -12.92 -19.30
N ASN A 192 -25.37 -14.24 -19.17
CA ASN A 192 -26.50 -15.04 -18.69
C ASN A 192 -26.81 -14.76 -17.23
N LYS A 193 -25.77 -14.61 -16.42
CA LYS A 193 -25.96 -14.36 -15.00
C LYS A 193 -26.25 -12.91 -14.61
N THR A 194 -26.28 -12.03 -15.61
CA THR A 194 -26.54 -10.61 -15.37
C THR A 194 -27.64 -10.09 -16.29
N GLU A 195 -28.48 -11.02 -16.75
CA GLU A 195 -29.59 -10.69 -17.62
C GLU A 195 -29.19 -9.87 -18.84
N GLY A 196 -28.02 -10.16 -19.39
CA GLY A 196 -27.56 -9.45 -20.56
C GLY A 196 -27.04 -8.05 -20.29
N ARG A 197 -26.82 -7.73 -19.01
CA ARG A 197 -26.34 -6.40 -18.65
C ARG A 197 -24.84 -6.24 -18.84
N ILE A 198 -24.07 -7.25 -18.43
CA ILE A 198 -22.62 -7.26 -18.58
C ILE A 198 -22.31 -8.25 -19.70
N THR A 199 -21.93 -7.73 -20.86
CA THR A 199 -21.67 -8.59 -22.01
C THR A 199 -20.23 -8.87 -22.41
N ASP A 200 -19.34 -7.88 -22.30
CA ASP A 200 -17.95 -8.08 -22.70
C ASP A 200 -16.97 -7.91 -21.54
N VAL A 201 -17.23 -8.59 -20.42
CA VAL A 201 -16.35 -8.46 -19.27
C VAL A 201 -14.89 -8.73 -19.60
N ILE A 202 -14.64 -9.78 -20.38
CA ILE A 202 -13.27 -10.12 -20.76
C ILE A 202 -12.96 -9.63 -22.16
N PRO A 203 -12.00 -8.70 -22.30
CA PRO A 203 -11.62 -8.15 -23.60
C PRO A 203 -10.83 -9.11 -24.48
N SER A 204 -10.55 -8.69 -25.71
CA SER A 204 -9.80 -9.51 -26.65
C SER A 204 -8.32 -9.49 -26.32
N GLU A 205 -7.65 -10.61 -26.58
CA GLU A 205 -6.21 -10.72 -26.32
C GLU A 205 -5.93 -10.84 -24.82
N ALA A 206 -6.98 -10.82 -24.01
CA ALA A 206 -6.82 -10.94 -22.56
C ALA A 206 -6.56 -12.39 -22.21
N ILE A 207 -6.93 -13.29 -23.12
CA ILE A 207 -6.73 -14.72 -22.94
C ILE A 207 -5.96 -15.25 -24.13
N ASN A 208 -5.03 -16.17 -23.89
CA ASN A 208 -4.26 -16.77 -24.98
C ASN A 208 -3.76 -18.14 -24.59
N GLU A 209 -2.87 -18.70 -25.42
CA GLU A 209 -2.31 -20.03 -25.22
C GLU A 209 -1.75 -20.30 -23.81
N LEU A 210 -1.28 -19.25 -23.14
CA LEU A 210 -0.71 -19.45 -21.82
C LEU A 210 -1.67 -19.27 -20.65
N THR A 211 -2.93 -18.94 -20.93
CA THR A 211 -3.93 -18.75 -19.87
C THR A 211 -4.19 -20.08 -19.18
N VAL A 212 -4.34 -20.05 -17.86
CA VAL A 212 -4.55 -21.28 -17.11
C VAL A 212 -5.86 -21.43 -16.33
N LEU A 213 -6.38 -20.32 -15.83
CA LEU A 213 -7.63 -20.35 -15.06
C LEU A 213 -8.22 -18.96 -14.94
N VAL A 214 -9.52 -18.84 -15.16
CA VAL A 214 -10.18 -17.54 -15.04
C VAL A 214 -11.30 -17.63 -14.01
N LEU A 215 -11.11 -16.98 -12.87
CA LEU A 215 -12.13 -16.99 -11.80
C LEU A 215 -13.09 -15.82 -12.03
N VAL A 216 -14.38 -16.12 -12.09
CA VAL A 216 -15.40 -15.10 -12.34
C VAL A 216 -16.51 -15.00 -11.27
N ASN A 217 -16.81 -13.76 -10.88
CA ASN A 217 -17.88 -13.51 -9.92
C ASN A 217 -18.94 -12.72 -10.64
N THR A 218 -20.17 -12.85 -10.15
CA THR A 218 -21.27 -12.17 -10.80
C THR A 218 -22.29 -11.78 -9.74
N ILE A 219 -22.94 -10.62 -9.94
CA ILE A 219 -23.96 -10.13 -9.01
C ILE A 219 -25.04 -9.39 -9.79
N TYR A 220 -26.30 -9.77 -9.59
CA TYR A 220 -27.40 -9.12 -10.29
C TYR A 220 -28.47 -8.66 -9.31
N PHE A 221 -29.02 -7.48 -9.54
CA PHE A 221 -30.02 -6.92 -8.65
C PHE A 221 -31.08 -6.15 -9.41
N LYS A 222 -32.33 -6.29 -8.98
CA LYS A 222 -33.42 -5.56 -9.59
C LYS A 222 -34.60 -5.48 -8.63
N GLY A 223 -34.81 -4.30 -8.09
CA GLY A 223 -35.91 -4.10 -7.16
C GLY A 223 -36.78 -2.96 -7.61
N LEU A 224 -37.96 -2.86 -7.01
CA LEU A 224 -38.89 -1.81 -7.33
C LEU A 224 -38.90 -0.91 -6.11
N TRP A 225 -39.12 0.38 -6.32
CA TRP A 225 -39.14 1.32 -5.22
C TRP A 225 -40.27 0.97 -4.24
N LYS A 226 -40.04 1.14 -2.95
CA LYS A 226 -41.10 0.88 -2.00
C LYS A 226 -42.09 2.02 -2.25
N SER A 227 -41.55 3.14 -2.73
CA SER A 227 -42.33 4.33 -3.04
C SER A 227 -42.07 4.77 -4.49
N LYS A 228 -42.71 4.05 -5.40
CA LYS A 228 -42.62 4.28 -6.84
C LYS A 228 -42.67 5.76 -7.25
N PHE A 229 -42.18 6.05 -8.45
CA PHE A 229 -42.18 7.40 -9.01
C PHE A 229 -43.21 7.39 -10.12
N SER A 230 -43.86 8.52 -10.34
CA SER A 230 -44.87 8.62 -11.39
C SER A 230 -44.36 9.33 -12.64
N PRO A 231 -44.35 8.63 -13.77
CA PRO A 231 -43.90 9.19 -15.05
C PRO A 231 -44.48 10.56 -15.38
N GLU A 232 -45.75 10.77 -15.04
CA GLU A 232 -46.44 12.03 -15.31
C GLU A 232 -45.81 13.25 -14.61
N ASN A 233 -44.81 13.01 -13.77
CA ASN A 233 -44.15 14.09 -13.04
C ASN A 233 -42.70 14.30 -13.42
N THR A 234 -42.19 13.51 -14.35
CA THR A 234 -40.81 13.66 -14.75
C THR A 234 -40.74 14.84 -15.72
N ARG A 235 -39.73 15.69 -15.56
CA ARG A 235 -39.54 16.84 -16.46
C ARG A 235 -38.07 16.94 -16.79
N LYS A 236 -37.77 17.54 -17.94
CA LYS A 236 -36.38 17.73 -18.30
C LYS A 236 -35.94 18.93 -17.49
N GLU A 237 -34.79 18.81 -16.84
CA GLU A 237 -34.22 19.88 -16.03
C GLU A 237 -32.76 20.02 -16.37
N LEU A 238 -32.21 21.21 -16.16
CA LEU A 238 -30.81 21.44 -16.46
C LEU A 238 -29.93 20.82 -15.38
N PHE A 239 -28.88 20.14 -15.79
CA PHE A 239 -27.94 19.49 -14.89
C PHE A 239 -26.55 20.10 -15.12
N TYR A 240 -25.91 20.57 -14.05
CA TYR A 240 -24.60 21.18 -14.17
C TYR A 240 -23.48 20.21 -13.82
N LYS A 241 -22.64 19.94 -14.82
CA LYS A 241 -21.51 19.02 -14.65
C LYS A 241 -20.30 19.65 -13.98
N ALA A 242 -19.35 18.80 -13.62
CA ALA A 242 -18.14 19.23 -12.95
C ALA A 242 -17.30 20.23 -13.74
N ASP A 243 -17.42 20.24 -15.06
CA ASP A 243 -16.61 21.17 -15.84
C ASP A 243 -17.30 22.50 -16.09
N GLY A 244 -18.45 22.71 -15.43
CA GLY A 244 -19.15 23.97 -15.60
C GLY A 244 -20.34 23.92 -16.52
N GLU A 245 -20.15 23.44 -17.75
CA GLU A 245 -21.21 23.36 -18.75
C GLU A 245 -22.45 22.63 -18.25
N SER A 246 -23.60 22.94 -18.84
CA SER A 246 -24.84 22.32 -18.43
C SER A 246 -25.54 21.54 -19.54
N CYS A 247 -26.31 20.51 -19.15
CA CYS A 247 -27.05 19.71 -20.11
C CYS A 247 -28.43 19.40 -19.56
N SER A 248 -29.28 18.77 -20.36
CA SER A 248 -30.63 18.45 -19.91
C SER A 248 -30.77 17.00 -19.47
N ALA A 249 -31.42 16.82 -18.34
CA ALA A 249 -31.64 15.50 -17.77
C ALA A 249 -33.10 15.36 -17.40
N SER A 250 -33.61 14.14 -17.52
CA SER A 250 -34.99 13.85 -17.18
C SER A 250 -35.02 13.68 -15.65
N MET A 251 -35.63 14.62 -14.95
CA MET A 251 -35.71 14.50 -13.49
C MET A 251 -37.04 13.96 -13.00
N MET A 252 -36.98 12.94 -12.14
CA MET A 252 -38.19 12.34 -11.56
C MET A 252 -38.58 13.11 -10.29
N TYR A 253 -39.88 13.16 -10.00
CA TYR A 253 -40.41 13.89 -8.84
C TYR A 253 -41.51 13.17 -8.05
N GLN A 254 -41.47 13.31 -6.73
CA GLN A 254 -42.47 12.73 -5.84
C GLN A 254 -42.25 13.21 -4.42
N GLU A 255 -43.32 13.44 -3.66
CA GLU A 255 -43.12 13.86 -2.27
C GLU A 255 -43.71 12.84 -1.31
N GLY A 256 -43.00 12.60 -0.21
CA GLY A 256 -43.46 11.63 0.77
C GLY A 256 -42.51 11.54 1.96
N LYS A 257 -42.69 10.52 2.79
CA LYS A 257 -41.83 10.32 3.95
C LYS A 257 -40.62 9.46 3.60
N PHE A 258 -39.43 9.99 3.86
CA PHE A 258 -38.19 9.31 3.56
C PHE A 258 -37.17 9.60 4.65
N ARG A 259 -36.23 8.68 4.85
CA ARG A 259 -35.18 8.89 5.85
C ARG A 259 -34.21 9.86 5.19
N TYR A 260 -33.89 10.93 5.90
CA TYR A 260 -33.03 11.98 5.37
C TYR A 260 -32.25 12.63 6.49
N ARG A 261 -31.29 13.48 6.14
CA ARG A 261 -30.50 14.17 7.15
C ARG A 261 -29.51 15.13 6.50
N ARG A 262 -29.40 16.32 7.09
CA ARG A 262 -28.47 17.34 6.61
C ARG A 262 -27.34 17.43 7.64
N VAL A 263 -26.33 16.58 7.46
CA VAL A 263 -25.19 16.48 8.35
C VAL A 263 -24.26 17.70 8.38
N ALA A 264 -23.08 17.52 8.99
CA ALA A 264 -22.08 18.57 9.13
C ALA A 264 -21.52 18.98 7.77
N GLU A 265 -20.98 20.19 7.71
CA GLU A 265 -20.41 20.72 6.48
C GLU A 265 -21.50 20.73 5.38
N GLY A 266 -22.76 20.67 5.84
CA GLY A 266 -23.91 20.72 4.94
C GLY A 266 -24.23 19.60 3.97
N THR A 267 -23.66 18.41 4.16
CA THR A 267 -23.93 17.31 3.24
C THR A 267 -25.31 16.68 3.44
N GLN A 268 -25.96 16.28 2.35
CA GLN A 268 -27.28 15.66 2.44
C GLN A 268 -27.18 14.18 2.12
N VAL A 269 -27.88 13.37 2.91
CA VAL A 269 -27.92 11.94 2.72
C VAL A 269 -29.38 11.52 2.61
N LEU A 270 -29.75 10.90 1.50
CA LEU A 270 -31.12 10.47 1.26
C LEU A 270 -31.20 8.95 1.03
N GLU A 271 -32.16 8.30 1.70
CA GLU A 271 -32.29 6.85 1.56
C GLU A 271 -33.61 6.47 0.90
N LEU A 272 -33.53 5.87 -0.29
CA LEU A 272 -34.71 5.42 -1.01
C LEU A 272 -34.71 3.88 -0.97
N PRO A 273 -35.53 3.29 -0.07
CA PRO A 273 -35.62 1.83 0.08
C PRO A 273 -36.43 1.15 -1.01
N PHE A 274 -36.18 -0.14 -1.18
CA PHE A 274 -36.87 -0.97 -2.17
C PHE A 274 -37.93 -1.82 -1.46
N LYS A 275 -38.93 -2.30 -2.21
CA LYS A 275 -39.96 -3.15 -1.63
C LYS A 275 -39.22 -4.18 -0.82
N GLY A 276 -39.51 -4.23 0.49
CA GLY A 276 -38.84 -5.18 1.35
C GLY A 276 -38.03 -4.50 2.42
N ASP A 277 -37.64 -3.25 2.17
CA ASP A 277 -36.85 -2.47 3.11
C ASP A 277 -35.43 -2.98 3.39
N ASP A 278 -35.16 -4.26 3.12
CA ASP A 278 -33.83 -4.79 3.39
C ASP A 278 -32.73 -4.32 2.41
N ILE A 279 -33.13 -3.78 1.26
CA ILE A 279 -32.17 -3.25 0.29
C ILE A 279 -32.55 -1.81 -0.07
N THR A 280 -31.58 -0.90 -0.01
CA THR A 280 -31.88 0.50 -0.29
C THR A 280 -30.84 1.24 -1.12
N MET A 281 -31.25 2.37 -1.69
CA MET A 281 -30.33 3.20 -2.42
C MET A 281 -30.06 4.43 -1.55
N VAL A 282 -28.79 4.82 -1.45
CA VAL A 282 -28.45 5.98 -0.65
C VAL A 282 -27.75 6.99 -1.55
N LEU A 283 -28.27 8.21 -1.57
CA LEU A 283 -27.71 9.27 -2.40
C LEU A 283 -26.98 10.25 -1.50
N ILE A 284 -25.80 10.65 -1.93
CA ILE A 284 -25.01 11.60 -1.14
C ILE A 284 -24.66 12.83 -1.95
N LEU A 285 -25.10 13.99 -1.47
CA LEU A 285 -24.92 15.25 -2.19
C LEU A 285 -24.08 16.27 -1.37
N PRO A 286 -22.99 16.78 -1.86
CA PRO A 286 -22.32 17.77 -0.99
C PRO A 286 -23.05 19.12 -1.08
N LYS A 287 -22.81 20.02 -0.13
CA LYS A 287 -23.46 21.33 -0.14
C LYS A 287 -22.88 22.11 -1.32
N PRO A 288 -23.65 23.05 -1.87
CA PRO A 288 -23.22 23.87 -3.00
C PRO A 288 -21.75 24.27 -3.09
N GLU A 289 -21.23 24.93 -2.07
CA GLU A 289 -19.84 25.35 -2.10
C GLU A 289 -18.82 24.32 -1.67
N LYS A 290 -19.09 23.05 -1.95
CA LYS A 290 -18.17 21.99 -1.59
C LYS A 290 -18.15 21.07 -2.80
N SER A 291 -16.95 20.65 -3.18
CA SER A 291 -16.77 19.78 -4.33
C SER A 291 -17.09 18.33 -3.99
N LEU A 292 -17.72 17.62 -4.92
CA LEU A 292 -18.02 16.21 -4.68
C LEU A 292 -16.68 15.52 -4.40
N ALA A 293 -15.67 15.89 -5.19
CA ALA A 293 -14.34 15.33 -5.05
C ALA A 293 -13.83 15.40 -3.60
N LYS A 294 -14.13 16.49 -2.91
CA LYS A 294 -13.67 16.60 -1.54
C LYS A 294 -14.45 15.64 -0.65
N VAL A 295 -15.73 15.41 -0.98
CA VAL A 295 -16.55 14.48 -0.20
C VAL A 295 -16.04 13.07 -0.46
N GLU A 296 -15.66 12.80 -1.70
CA GLU A 296 -15.12 11.49 -2.07
C GLU A 296 -13.83 11.26 -1.27
N LYS A 297 -12.96 12.26 -1.23
CA LYS A 297 -11.70 12.13 -0.52
C LYS A 297 -11.80 12.01 1.00
N GLU A 298 -12.86 12.55 1.59
CA GLU A 298 -13.00 12.48 3.05
C GLU A 298 -13.73 11.22 3.46
N LEU A 299 -14.40 10.61 2.50
CA LEU A 299 -15.17 9.39 2.72
C LEU A 299 -14.41 8.29 3.47
N THR A 300 -15.02 7.78 4.55
CA THR A 300 -14.45 6.69 5.35
C THR A 300 -15.60 5.81 5.81
N PRO A 301 -15.36 4.53 6.08
CA PRO A 301 -16.45 3.65 6.53
C PRO A 301 -17.19 4.23 7.73
N GLU A 302 -16.46 4.76 8.70
CA GLU A 302 -17.04 5.34 9.91
C GLU A 302 -17.94 6.51 9.57
N VAL A 303 -17.42 7.46 8.80
CA VAL A 303 -18.20 8.63 8.39
C VAL A 303 -19.51 8.17 7.74
N LEU A 304 -19.39 7.30 6.74
CA LEU A 304 -20.57 6.78 6.05
C LEU A 304 -21.56 6.25 7.08
N GLN A 305 -21.06 5.43 8.01
CA GLN A 305 -21.91 4.84 9.03
C GLN A 305 -22.64 5.88 9.88
N GLU A 306 -21.91 6.88 10.36
CA GLU A 306 -22.52 7.91 11.17
C GLU A 306 -23.66 8.60 10.42
N TRP A 307 -23.46 8.92 9.14
CA TRP A 307 -24.52 9.58 8.38
C TRP A 307 -25.76 8.70 8.39
N LEU A 308 -25.60 7.48 7.87
CA LEU A 308 -26.69 6.52 7.84
C LEU A 308 -27.26 6.42 9.24
N ASP A 309 -26.38 6.23 10.22
CA ASP A 309 -26.81 6.14 11.60
C ASP A 309 -27.58 7.38 12.02
N GLU A 310 -28.88 7.19 12.05
CA GLU A 310 -29.83 8.22 12.42
C GLU A 310 -30.08 9.31 11.39
N LEU A 311 -30.73 8.88 10.32
CA LEU A 311 -31.19 9.75 9.28
C LEU A 311 -32.60 9.73 9.86
N GLU A 312 -33.27 10.86 9.94
CA GLU A 312 -34.62 10.84 10.50
C GLU A 312 -35.62 10.79 9.35
N GLU A 313 -36.75 10.14 9.59
CA GLU A 313 -37.78 10.05 8.56
C GLU A 313 -38.54 11.36 8.58
N MET A 314 -38.79 11.92 7.40
CA MET A 314 -39.51 13.18 7.32
C MET A 314 -40.19 13.41 5.98
N MET A 315 -41.19 14.28 5.97
CA MET A 315 -41.93 14.61 4.77
C MET A 315 -41.05 15.52 3.92
N LEU A 316 -40.74 15.10 2.70
CA LEU A 316 -39.90 15.92 1.84
C LEU A 316 -40.10 15.62 0.37
N VAL A 317 -39.65 16.53 -0.48
CA VAL A 317 -39.77 16.36 -1.92
C VAL A 317 -38.47 15.81 -2.50
N VAL A 318 -38.53 14.58 -2.97
CA VAL A 318 -37.38 13.89 -3.55
C VAL A 318 -37.39 14.08 -5.04
N HIS A 319 -36.28 14.51 -5.60
CA HIS A 319 -36.23 14.66 -7.06
C HIS A 319 -34.88 14.17 -7.55
N MET A 320 -34.90 13.14 -8.39
CA MET A 320 -33.65 12.61 -8.92
C MET A 320 -33.73 12.21 -10.38
N PRO A 321 -32.60 12.24 -11.08
CA PRO A 321 -32.64 11.88 -12.49
C PRO A 321 -32.88 10.40 -12.74
N ARG A 322 -33.43 10.11 -13.92
CA ARG A 322 -33.62 8.74 -14.36
C ARG A 322 -32.44 8.66 -15.33
N PHE A 323 -31.68 7.58 -15.27
CA PHE A 323 -30.51 7.47 -16.12
C PHE A 323 -29.95 6.06 -16.07
N ARG A 324 -28.91 5.86 -16.87
CA ARG A 324 -28.22 4.58 -16.90
C ARG A 324 -26.74 4.86 -17.12
N ILE A 325 -25.90 4.06 -16.50
CA ILE A 325 -24.48 4.23 -16.67
C ILE A 325 -23.83 2.87 -16.69
N GLU A 326 -22.81 2.75 -17.55
CA GLU A 326 -22.06 1.53 -17.71
C GLU A 326 -20.60 1.87 -17.55
N ASP A 327 -19.92 1.14 -16.69
CA ASP A 327 -18.52 1.40 -16.43
C ASP A 327 -17.71 0.11 -16.42
N GLY A 328 -16.45 0.22 -16.81
CA GLY A 328 -15.55 -0.93 -16.86
C GLY A 328 -14.11 -0.44 -16.74
N PHE A 329 -13.24 -1.26 -16.17
CA PHE A 329 -11.85 -0.87 -15.99
C PHE A 329 -10.99 -2.04 -15.54
N SER A 330 -9.68 -1.94 -15.77
CA SER A 330 -8.75 -2.98 -15.40
C SER A 330 -8.44 -2.82 -13.91
N LEU A 331 -8.48 -3.92 -13.18
CA LEU A 331 -8.22 -3.89 -11.75
C LEU A 331 -6.74 -3.91 -11.39
N LYS A 332 -5.92 -4.45 -12.29
CA LYS A 332 -4.49 -4.54 -12.04
C LYS A 332 -3.88 -3.18 -11.67
N GLU A 333 -3.99 -2.21 -12.56
CA GLU A 333 -3.46 -0.87 -12.30
C GLU A 333 -3.91 -0.35 -10.95
N GLN A 334 -5.22 -0.36 -10.70
CA GLN A 334 -5.75 0.11 -9.42
C GLN A 334 -5.19 -0.58 -8.18
N LEU A 335 -5.37 -1.91 -8.11
CA LEU A 335 -4.91 -2.67 -6.96
C LEU A 335 -3.41 -2.61 -6.71
N GLN A 336 -2.63 -2.64 -7.79
CA GLN A 336 -1.17 -2.58 -7.70
C GLN A 336 -0.64 -1.43 -6.86
N ASP A 337 -1.37 -0.31 -6.82
CA ASP A 337 -0.94 0.86 -6.06
C ASP A 337 -1.81 1.23 -4.88
N MET A 338 -2.59 0.28 -4.38
CA MET A 338 -3.45 0.53 -3.23
C MET A 338 -2.61 0.47 -1.96
N GLY A 339 -1.79 1.49 -1.73
CA GLY A 339 -0.95 1.52 -0.54
C GLY A 339 -0.93 2.89 0.12
N LEU A 340 -1.92 3.72 -0.21
CA LEU A 340 -2.01 5.07 0.32
C LEU A 340 -1.94 5.17 1.85
N VAL A 341 -1.46 6.32 2.31
CA VAL A 341 -1.33 6.59 3.73
C VAL A 341 -1.91 7.97 4.00
N ASP A 342 -2.91 8.05 4.88
CA ASP A 342 -3.56 9.32 5.22
C ASP A 342 -2.58 10.48 5.37
N LEU A 343 -1.35 10.17 5.81
CA LEU A 343 -0.34 11.18 6.01
C LEU A 343 -0.14 12.08 4.79
N PHE A 344 -0.37 11.55 3.60
CA PHE A 344 -0.18 12.31 2.37
C PHE A 344 -1.49 12.88 1.82
N SER A 345 -2.56 12.69 2.58
CA SER A 345 -3.87 13.17 2.20
C SER A 345 -4.32 14.42 2.94
N PRO A 346 -4.50 15.54 2.21
CA PRO A 346 -4.92 16.79 2.83
C PRO A 346 -6.19 16.59 3.68
N GLU A 347 -7.13 15.83 3.14
CA GLU A 347 -8.38 15.57 3.84
C GLU A 347 -8.23 14.63 5.04
N LYS A 348 -7.69 13.44 4.80
CA LYS A 348 -7.56 12.43 5.85
C LYS A 348 -6.38 12.51 6.82
N SER A 349 -5.34 13.28 6.50
CA SER A 349 -4.20 13.38 7.39
C SER A 349 -4.57 13.96 8.74
N LYS A 350 -4.02 13.38 9.80
CA LYS A 350 -4.27 13.81 11.18
C LYS A 350 -2.97 14.15 11.91
N LEU A 351 -2.63 15.44 11.97
CA LEU A 351 -1.41 15.88 12.65
C LEU A 351 -1.67 17.03 13.62
N PRO A 352 -2.68 16.88 14.50
CA PRO A 352 -3.09 17.88 15.49
C PRO A 352 -2.06 18.28 16.53
N GLY A 353 -0.94 17.57 16.61
CA GLY A 353 0.04 17.90 17.62
C GLY A 353 1.17 18.82 17.21
N ILE A 354 1.30 19.13 15.93
CA ILE A 354 2.40 19.99 15.48
C ILE A 354 2.22 21.47 15.81
N VAL A 355 1.16 22.08 15.29
CA VAL A 355 0.93 23.51 15.54
C VAL A 355 0.07 23.78 16.76
N ALA A 356 0.33 24.87 17.45
CA ALA A 356 -0.45 25.21 18.65
C ALA A 356 -1.90 25.45 18.28
N GLU A 357 -2.79 24.91 19.11
CA GLU A 357 -4.24 25.01 18.96
C GLU A 357 -4.81 23.79 18.22
N GLY A 358 -4.01 23.20 17.33
CA GLY A 358 -4.47 22.00 16.65
C GLY A 358 -4.85 21.97 15.18
N ARG A 359 -4.32 22.89 14.36
CA ARG A 359 -4.61 22.90 12.92
C ARG A 359 -4.80 21.48 12.41
N ASP A 360 -5.91 21.24 11.73
CA ASP A 360 -6.22 19.90 11.21
C ASP A 360 -5.71 19.68 9.78
N ASP A 361 -5.70 20.76 8.99
CA ASP A 361 -5.29 20.72 7.60
C ASP A 361 -3.83 20.38 7.30
N LEU A 362 -3.07 19.88 8.27
CA LEU A 362 -1.68 19.58 7.97
C LEU A 362 -1.52 18.18 7.37
N TYR A 363 -0.73 18.09 6.32
CA TYR A 363 -0.46 16.82 5.64
C TYR A 363 0.94 16.87 5.05
N VAL A 364 1.50 15.73 4.69
CA VAL A 364 2.83 15.73 4.08
C VAL A 364 2.63 15.94 2.57
N SER A 365 3.04 17.09 2.05
CA SER A 365 2.89 17.33 0.61
C SER A 365 3.84 16.44 -0.15
N ASP A 366 5.01 16.18 0.41
CA ASP A 366 5.99 15.29 -0.22
C ASP A 366 7.14 14.95 0.73
N ALA A 367 7.92 13.94 0.41
CA ALA A 367 9.02 13.54 1.27
C ALA A 367 10.14 13.01 0.39
N PHE A 368 11.37 13.44 0.65
CA PHE A 368 12.47 13.01 -0.21
C PHE A 368 13.63 12.36 0.50
N HIS A 369 14.25 11.41 -0.18
CA HIS A 369 15.41 10.72 0.36
C HIS A 369 16.52 10.85 -0.67
N LYS A 370 17.74 10.97 -0.20
CA LYS A 370 18.88 11.10 -1.09
C LYS A 370 20.00 10.31 -0.42
N ALA A 371 20.84 9.65 -1.21
CA ALA A 371 21.91 8.86 -0.62
C ALA A 371 23.19 8.87 -1.47
N PHE A 372 24.32 8.60 -0.82
CA PHE A 372 25.62 8.62 -1.47
C PHE A 372 26.55 7.54 -0.89
N LEU A 373 27.29 6.86 -1.76
CA LEU A 373 28.23 5.82 -1.36
C LEU A 373 29.48 5.83 -2.23
N GLU A 374 30.64 5.75 -1.61
CA GLU A 374 31.89 5.72 -2.34
C GLU A 374 32.79 4.70 -1.66
N VAL A 375 33.25 3.74 -2.46
CA VAL A 375 34.12 2.67 -1.99
C VAL A 375 35.46 2.73 -2.69
N ASN A 376 36.54 2.69 -1.92
CA ASN A 376 37.87 2.69 -2.52
C ASN A 376 38.85 1.85 -1.71
N GLU A 377 40.14 1.94 -2.04
CA GLU A 377 41.14 1.15 -1.36
C GLU A 377 41.29 1.40 0.15
N GLU A 378 41.07 2.65 0.57
CA GLU A 378 41.20 3.01 1.98
C GLU A 378 40.02 2.68 2.88
N GLY A 379 38.82 2.65 2.31
CA GLY A 379 37.63 2.35 3.09
C GLY A 379 36.41 2.79 2.32
N SER A 380 35.39 3.26 3.02
CA SER A 380 34.18 3.72 2.35
C SER A 380 33.52 4.88 3.09
N GLU A 381 32.80 5.70 2.33
CA GLU A 381 32.11 6.87 2.86
C GLU A 381 30.68 6.86 2.37
N ALA A 382 29.72 6.97 3.28
CA ALA A 382 28.30 6.97 2.93
C ALA A 382 27.58 8.16 3.54
N ALA A 383 26.49 8.60 2.93
CA ALA A 383 25.76 9.73 3.46
C ALA A 383 24.32 9.60 3.06
N ALA A 384 23.43 10.36 3.71
CA ALA A 384 22.03 10.28 3.37
C ALA A 384 21.19 11.30 4.11
N SER A 385 20.10 11.73 3.50
CA SER A 385 19.22 12.65 4.17
C SER A 385 17.79 12.32 3.82
N THR A 386 16.88 12.66 4.72
CA THR A 386 15.48 12.40 4.49
C THR A 386 14.77 13.69 4.85
N ALA A 387 13.93 14.17 3.95
CA ALA A 387 13.22 15.41 4.22
C ALA A 387 11.73 15.17 4.11
N VAL A 388 11.01 15.51 5.17
CA VAL A 388 9.57 15.34 5.18
C VAL A 388 9.01 16.75 5.14
N VAL A 389 8.23 17.05 4.10
CA VAL A 389 7.67 18.39 3.96
C VAL A 389 6.19 18.38 4.29
N ILE A 390 5.83 19.10 5.34
CA ILE A 390 4.45 19.20 5.80
C ILE A 390 3.84 20.54 5.40
N ALA A 391 2.63 20.53 4.89
CA ALA A 391 1.97 21.76 4.49
C ALA A 391 0.49 21.73 4.86
N GLY A 392 -0.19 22.85 4.63
CA GLY A 392 -1.60 22.93 4.92
C GLY A 392 -2.29 23.81 3.90
N ARG A 393 -3.59 23.99 4.05
CA ARG A 393 -4.39 24.85 3.17
C ARG A 393 -4.53 24.38 1.72
N SER A 394 -4.68 23.07 1.52
CA SER A 394 -4.83 22.52 0.16
C SER A 394 -6.21 22.93 -0.38
N LEU A 395 -6.22 23.40 -1.63
CA LEU A 395 -7.49 23.82 -2.24
C LEU A 395 -8.00 22.88 -3.32
N ASN A 396 -9.22 22.38 -3.13
CA ASN A 396 -9.86 21.47 -4.07
C ASN A 396 -10.68 22.27 -5.08
N PRO A 397 -10.31 22.21 -6.37
CA PRO A 397 -11.06 22.96 -7.38
C PRO A 397 -12.57 22.71 -7.22
N ASN A 398 -13.35 23.79 -7.31
CA ASN A 398 -14.80 23.73 -7.20
C ASN A 398 -15.38 24.74 -8.20
N ARG A 399 -15.98 24.25 -9.27
CA ARG A 399 -16.52 25.13 -10.32
C ARG A 399 -18.02 25.36 -10.33
N VAL A 400 -18.75 24.52 -9.59
CA VAL A 400 -20.20 24.65 -9.49
C VAL A 400 -20.48 24.88 -8.01
N THR A 401 -20.60 26.16 -7.62
CA THR A 401 -20.82 26.49 -6.23
C THR A 401 -22.21 27.04 -5.94
N PHE A 402 -23.11 26.96 -6.92
CA PHE A 402 -24.47 27.42 -6.73
C PHE A 402 -25.42 26.23 -6.59
N LYS A 403 -26.61 26.49 -6.05
CA LYS A 403 -27.62 25.47 -5.81
C LYS A 403 -28.38 25.01 -7.06
N ALA A 404 -27.99 23.87 -7.62
CA ALA A 404 -28.63 23.33 -8.81
C ALA A 404 -28.38 21.83 -8.87
N ASN A 405 -28.94 21.16 -9.88
CA ASN A 405 -28.73 19.72 -10.02
C ASN A 405 -27.26 19.46 -10.38
N ARG A 406 -26.53 18.81 -9.48
CA ARG A 406 -25.11 18.52 -9.70
C ARG A 406 -24.82 17.04 -9.49
N PRO A 407 -23.57 16.62 -9.75
CA PRO A 407 -23.21 15.20 -9.56
C PRO A 407 -23.23 14.81 -8.08
N PHE A 408 -23.62 13.57 -7.82
CA PHE A 408 -23.73 13.05 -6.46
C PHE A 408 -23.22 11.63 -6.37
N LEU A 409 -23.18 11.07 -5.16
CA LEU A 409 -22.73 9.69 -4.97
C LEU A 409 -23.92 8.73 -4.85
N VAL A 410 -23.74 7.50 -5.29
CA VAL A 410 -24.78 6.48 -5.23
C VAL A 410 -24.32 5.19 -4.57
N PHE A 411 -25.03 4.75 -3.54
CA PHE A 411 -24.69 3.49 -2.86
C PHE A 411 -25.94 2.61 -2.85
N ILE A 412 -25.79 1.32 -3.13
CA ILE A 412 -26.91 0.42 -3.04
C ILE A 412 -26.47 -0.57 -1.96
N ARG A 413 -27.11 -0.50 -0.79
CA ARG A 413 -26.71 -1.36 0.31
C ARG A 413 -27.78 -2.29 0.90
N GLU A 414 -27.29 -3.29 1.63
CA GLU A 414 -28.14 -4.26 2.32
C GLU A 414 -28.00 -3.82 3.78
N VAL A 415 -29.07 -3.29 4.36
CA VAL A 415 -29.03 -2.77 5.72
C VAL A 415 -28.83 -3.73 6.90
N PRO A 416 -29.56 -4.86 6.95
CA PRO A 416 -29.30 -5.73 8.10
C PRO A 416 -27.90 -6.35 8.11
N LEU A 417 -27.23 -6.34 6.97
CA LEU A 417 -25.88 -6.90 6.86
C LEU A 417 -24.84 -5.80 6.57
N ASN A 418 -25.24 -4.55 6.80
CA ASN A 418 -24.40 -3.38 6.55
C ASN A 418 -23.34 -3.67 5.50
N THR A 419 -23.84 -4.04 4.32
CA THR A 419 -23.01 -4.39 3.17
C THR A 419 -23.21 -3.43 2.00
N ILE A 420 -22.12 -2.97 1.42
CA ILE A 420 -22.20 -2.09 0.26
C ILE A 420 -22.11 -3.00 -0.97
N ILE A 421 -23.23 -3.22 -1.64
CA ILE A 421 -23.25 -4.08 -2.84
C ILE A 421 -22.72 -3.32 -4.08
N PHE A 422 -23.28 -2.14 -4.33
CA PHE A 422 -22.88 -1.30 -5.44
C PHE A 422 -22.63 0.12 -4.96
N MET A 423 -21.82 0.86 -5.70
CA MET A 423 -21.55 2.25 -5.35
C MET A 423 -20.98 2.95 -6.56
N GLY A 424 -21.13 4.27 -6.63
CA GLY A 424 -20.59 4.99 -7.77
C GLY A 424 -20.83 6.48 -7.71
N ARG A 425 -20.44 7.15 -8.80
CA ARG A 425 -20.60 8.58 -8.91
C ARG A 425 -21.44 8.91 -10.14
N VAL A 426 -22.54 9.64 -9.92
CA VAL A 426 -23.39 10.03 -11.02
C VAL A 426 -22.94 11.43 -11.39
N ALA A 427 -22.04 11.50 -12.36
CA ALA A 427 -21.48 12.78 -12.81
C ALA A 427 -22.11 13.33 -14.09
N ASN A 428 -22.93 12.52 -14.75
CA ASN A 428 -23.57 12.95 -15.99
C ASN A 428 -24.74 12.04 -16.32
N PRO A 429 -25.96 12.40 -15.86
CA PRO A 429 -27.15 11.61 -16.12
C PRO A 429 -27.79 12.03 -17.43
N CYS A 430 -27.11 12.92 -18.15
CA CYS A 430 -27.58 13.42 -19.44
C CYS A 430 -27.32 12.38 -20.54
N HIS B 1 23.28 25.67 40.55
CA HIS B 1 23.84 24.46 39.88
C HIS B 1 23.00 24.06 38.69
N GLY B 2 23.61 24.05 37.49
CA GLY B 2 22.89 23.69 36.27
C GLY B 2 23.28 22.35 35.65
N SER B 3 22.28 21.54 35.31
CA SER B 3 22.52 20.22 34.71
C SER B 3 21.77 19.98 33.40
N PRO B 4 22.50 19.83 32.29
CA PRO B 4 21.90 19.58 30.97
C PRO B 4 21.08 18.29 30.86
N VAL B 5 19.79 18.43 30.59
CA VAL B 5 18.91 17.27 30.43
C VAL B 5 19.44 16.38 29.31
N ASP B 6 19.44 15.08 29.53
CA ASP B 6 19.90 14.11 28.54
C ASP B 6 19.11 12.81 28.61
N ILE B 7 18.35 12.53 27.56
CA ILE B 7 17.53 11.32 27.49
C ILE B 7 18.35 10.03 27.55
N CYS B 8 19.57 10.04 27.02
CA CYS B 8 20.42 8.86 27.07
C CYS B 8 20.58 8.46 28.54
N THR B 9 20.83 9.47 29.38
CA THR B 9 21.04 9.29 30.82
C THR B 9 19.75 9.09 31.64
N ALA B 10 18.77 9.99 31.47
CA ALA B 10 17.49 9.88 32.20
C ALA B 10 16.46 10.89 31.74
N LYS B 11 15.19 10.57 31.94
CA LYS B 11 14.09 11.45 31.54
C LYS B 11 13.87 12.61 32.49
N PRO B 12 13.38 13.75 31.98
CA PRO B 12 13.15 14.92 32.84
C PRO B 12 12.05 14.58 33.85
N ARG B 13 11.90 15.41 34.86
CA ARG B 13 10.89 15.17 35.88
C ARG B 13 9.67 16.05 35.70
N ASP B 14 9.87 17.23 35.12
CA ASP B 14 8.79 18.18 34.94
C ASP B 14 8.41 18.47 33.49
N ILE B 15 9.40 18.57 32.62
CA ILE B 15 9.13 18.84 31.22
C ILE B 15 8.22 17.74 30.68
N PRO B 16 6.96 18.09 30.36
CA PRO B 16 6.01 17.11 29.84
C PRO B 16 6.46 16.47 28.53
N MET B 17 6.36 15.15 28.45
CA MET B 17 6.78 14.43 27.27
C MET B 17 5.78 13.40 26.80
N ASN B 18 4.57 13.85 26.51
CA ASN B 18 3.53 12.95 26.03
C ASN B 18 2.94 13.40 24.72
N PRO B 19 3.05 12.56 23.68
CA PRO B 19 2.50 12.91 22.37
C PRO B 19 1.01 13.20 22.56
N MET B 20 0.40 13.89 21.61
CA MET B 20 -1.01 14.21 21.73
C MET B 20 -1.91 12.99 21.66
N CYS B 21 -1.50 11.99 20.90
CA CYS B 21 -2.31 10.77 20.77
C CYS B 21 -1.45 9.56 21.04
N ILE B 22 -2.09 8.44 21.30
CA ILE B 22 -1.37 7.21 21.59
C ILE B 22 -2.07 6.02 20.96
N TYR B 23 -1.27 5.14 20.38
CA TYR B 23 -1.77 3.93 19.75
C TYR B 23 -1.16 2.73 20.46
N ARG B 24 -2.01 1.87 21.03
CA ARG B 24 -1.54 0.68 21.72
C ARG B 24 -1.46 -0.44 20.69
N SER B 25 -0.23 -0.89 20.43
CA SER B 25 0.03 -1.94 19.46
C SER B 25 -0.30 -3.35 19.97
N PRO B 26 -0.78 -4.22 19.07
CA PRO B 26 -1.17 -5.62 19.30
C PRO B 26 -0.07 -6.58 19.74
N GLU B 27 -0.47 -7.85 19.92
CA GLU B 27 0.39 -8.97 20.34
C GLU B 27 0.49 -9.04 21.86
N ALA B 43 22.21 -9.81 23.42
CA ALA B 43 22.98 -9.54 24.62
C ALA B 43 23.07 -8.04 24.91
N THR B 44 22.02 -7.31 24.53
CA THR B 44 21.94 -5.85 24.74
C THR B 44 20.69 -5.48 25.53
N ASN B 45 20.03 -4.39 25.14
CA ASN B 45 18.81 -3.95 25.80
C ASN B 45 17.63 -4.47 25.00
N ARG B 46 16.77 -5.26 25.65
CA ARG B 46 15.60 -5.84 24.98
C ARG B 46 14.80 -4.85 24.15
N ARG B 47 14.65 -3.63 24.68
CA ARG B 47 13.91 -2.60 23.99
C ARG B 47 14.63 -2.17 22.70
N VAL B 48 15.83 -1.62 22.86
CA VAL B 48 16.63 -1.17 21.72
C VAL B 48 16.78 -2.25 20.65
N TRP B 49 16.84 -3.50 21.10
CA TRP B 49 16.99 -4.64 20.21
C TRP B 49 15.76 -4.84 19.33
N GLU B 50 14.59 -4.86 19.96
CA GLU B 50 13.35 -5.05 19.24
C GLU B 50 13.07 -3.93 18.25
N LEU B 51 13.59 -2.73 18.53
CA LEU B 51 13.40 -1.62 17.61
C LEU B 51 14.31 -1.81 16.38
N SER B 52 15.53 -2.27 16.61
CA SER B 52 16.43 -2.48 15.48
C SER B 52 15.81 -3.57 14.59
N LYS B 53 15.19 -4.56 15.23
CA LYS B 53 14.55 -5.65 14.49
C LYS B 53 13.43 -5.09 13.61
N ALA B 54 12.66 -4.14 14.15
CA ALA B 54 11.58 -3.54 13.39
C ALA B 54 12.15 -2.70 12.27
N ASN B 55 13.20 -1.94 12.56
CA ASN B 55 13.82 -1.12 11.54
C ASN B 55 14.31 -2.02 10.42
N SER B 56 15.03 -3.08 10.77
CA SER B 56 15.55 -4.01 9.79
C SER B 56 14.42 -4.64 8.96
N ARG B 57 13.25 -4.77 9.56
CA ARG B 57 12.12 -5.34 8.85
C ARG B 57 11.59 -4.35 7.80
N PHE B 58 11.69 -3.05 8.10
CA PHE B 58 11.24 -2.04 7.17
C PHE B 58 12.27 -1.92 6.05
N ALA B 59 13.54 -2.01 6.41
CA ALA B 59 14.60 -1.90 5.44
C ALA B 59 14.41 -2.92 4.32
N THR B 60 14.43 -4.20 4.67
CA THR B 60 14.26 -5.24 3.67
C THR B 60 12.95 -5.12 2.89
N THR B 61 11.82 -4.92 3.57
CA THR B 61 10.54 -4.79 2.89
C THR B 61 10.52 -3.60 1.91
N PHE B 62 11.03 -2.47 2.35
CA PHE B 62 11.08 -1.28 1.52
C PHE B 62 12.02 -1.48 0.35
N TYR B 63 13.17 -2.07 0.63
CA TYR B 63 14.14 -2.29 -0.42
C TYR B 63 13.51 -3.06 -1.57
N GLN B 64 12.85 -4.16 -1.21
CA GLN B 64 12.22 -5.01 -2.21
C GLN B 64 11.28 -4.23 -3.09
N HIS B 65 10.45 -3.40 -2.48
CA HIS B 65 9.48 -2.60 -3.23
C HIS B 65 10.18 -1.59 -4.12
N LEU B 66 11.29 -1.08 -3.61
CA LEU B 66 12.08 -0.08 -4.32
C LEU B 66 12.69 -0.75 -5.55
N ALA B 67 13.35 -1.88 -5.33
CA ALA B 67 13.99 -2.65 -6.41
C ALA B 67 13.00 -3.11 -7.46
N ASP B 68 11.76 -3.28 -7.03
CA ASP B 68 10.70 -3.73 -7.91
C ASP B 68 10.39 -2.68 -8.97
N SER B 69 10.23 -1.43 -8.53
CA SER B 69 9.90 -0.35 -9.43
C SER B 69 11.06 0.21 -10.23
N LYS B 70 12.25 -0.38 -10.12
CA LYS B 70 13.39 0.12 -10.87
C LYS B 70 13.88 -0.88 -11.89
N ASN B 71 14.78 -0.43 -12.77
CA ASN B 71 15.35 -1.26 -13.82
C ASN B 71 16.58 -1.99 -13.25
N ASP B 72 16.64 -3.30 -13.42
CA ASP B 72 17.75 -4.09 -12.91
C ASP B 72 19.14 -3.58 -13.29
N ASN B 73 19.19 -2.66 -14.25
CA ASN B 73 20.48 -2.11 -14.67
C ASN B 73 20.85 -0.89 -13.85
N ASP B 74 19.91 -0.39 -13.06
CA ASP B 74 20.16 0.80 -12.25
C ASP B 74 20.66 0.47 -10.85
N ASN B 75 21.51 1.36 -10.33
CA ASN B 75 22.05 1.23 -8.98
C ASN B 75 20.94 1.61 -8.02
N ILE B 76 21.12 1.25 -6.75
CA ILE B 76 20.16 1.61 -5.72
C ILE B 76 20.94 1.86 -4.45
N PHE B 77 20.63 2.94 -3.75
CA PHE B 77 21.30 3.19 -2.50
C PHE B 77 20.44 4.07 -1.60
N LEU B 78 20.30 3.66 -0.34
CA LEU B 78 19.50 4.41 0.62
C LEU B 78 19.96 4.13 2.04
N SER B 79 19.40 4.87 2.98
CA SER B 79 19.66 4.68 4.40
C SER B 79 18.30 4.43 5.00
N PRO B 80 17.92 3.15 5.16
CA PRO B 80 16.60 2.91 5.74
C PRO B 80 16.50 3.47 7.16
N LEU B 81 17.61 3.46 7.89
CA LEU B 81 17.59 4.03 9.24
C LEU B 81 17.17 5.50 9.18
N SER B 82 17.76 6.23 8.25
CA SER B 82 17.46 7.65 8.05
C SER B 82 15.97 7.87 7.86
N ILE B 83 15.39 7.08 6.95
CA ILE B 83 13.96 7.16 6.65
C ILE B 83 13.15 6.83 7.92
N SER B 84 13.46 5.70 8.55
CA SER B 84 12.75 5.31 9.77
C SER B 84 12.78 6.43 10.81
N THR B 85 13.92 7.11 10.90
CA THR B 85 14.09 8.23 11.84
C THR B 85 13.22 9.45 11.46
N ALA B 86 13.32 9.92 10.22
CA ALA B 86 12.52 11.08 9.82
C ALA B 86 11.02 10.86 10.07
N PHE B 87 10.48 9.72 9.66
CA PHE B 87 9.05 9.51 9.88
C PHE B 87 8.68 9.25 11.34
N ALA B 88 9.62 8.76 12.15
CA ALA B 88 9.30 8.55 13.55
C ALA B 88 9.14 9.95 14.14
N MET B 89 9.95 10.88 13.65
CA MET B 89 9.90 12.27 14.11
C MET B 89 8.57 12.91 13.70
N THR B 90 8.10 12.56 12.52
CA THR B 90 6.85 13.08 11.96
C THR B 90 5.68 12.46 12.70
N LYS B 91 5.89 11.24 13.17
CA LYS B 91 4.87 10.49 13.90
C LYS B 91 4.48 11.21 15.19
N LEU B 92 5.43 11.91 15.79
CA LEU B 92 5.20 12.64 17.03
C LEU B 92 3.93 13.48 17.10
N GLY B 93 3.48 13.97 15.97
CA GLY B 93 2.28 14.80 15.98
C GLY B 93 1.10 14.14 15.30
N ALA B 94 1.28 12.89 14.89
CA ALA B 94 0.23 12.15 14.22
C ALA B 94 -0.84 11.75 15.21
N CYS B 95 -1.98 11.32 14.69
CA CYS B 95 -3.08 10.93 15.53
C CYS B 95 -4.02 10.01 14.78
N ASN B 96 -4.92 9.39 15.52
CA ASN B 96 -5.92 8.48 14.97
C ASN B 96 -5.35 7.54 13.91
N ASP B 97 -5.98 7.51 12.73
CA ASP B 97 -5.52 6.63 11.66
C ASP B 97 -4.14 6.97 11.14
N THR B 98 -3.81 8.25 11.04
CA THR B 98 -2.50 8.63 10.55
C THR B 98 -1.41 7.99 11.41
N LEU B 99 -1.60 8.00 12.73
CA LEU B 99 -0.64 7.43 13.65
C LEU B 99 -0.56 5.88 13.53
N GLN B 100 -1.71 5.23 13.39
CA GLN B 100 -1.73 3.78 13.28
C GLN B 100 -1.00 3.31 12.02
N GLN B 101 -1.30 3.94 10.90
CA GLN B 101 -0.68 3.57 9.64
C GLN B 101 0.82 3.74 9.73
N LEU B 102 1.26 4.86 10.30
CA LEU B 102 2.67 5.11 10.44
C LEU B 102 3.26 3.98 11.27
N MET B 103 2.63 3.66 12.39
CA MET B 103 3.10 2.56 13.25
C MET B 103 3.27 1.25 12.46
N GLU B 104 2.26 0.91 11.68
CA GLU B 104 2.28 -0.30 10.87
C GLU B 104 3.28 -0.26 9.71
N VAL B 105 3.25 0.82 8.92
CA VAL B 105 4.14 0.95 7.78
C VAL B 105 5.62 0.82 8.12
N PHE B 106 6.03 1.30 9.29
CA PHE B 106 7.42 1.20 9.66
C PHE B 106 7.73 0.08 10.64
N LYS B 107 6.80 -0.86 10.76
CA LYS B 107 6.97 -2.00 11.66
C LYS B 107 7.23 -1.69 13.13
N PHE B 108 6.81 -0.53 13.59
CA PHE B 108 7.02 -0.17 14.99
C PHE B 108 6.01 -0.92 15.84
N ASP B 109 4.92 -1.35 15.21
CA ASP B 109 3.87 -2.06 15.92
C ASP B 109 4.15 -3.54 16.02
N THR B 110 5.32 -3.97 15.54
CA THR B 110 5.65 -5.38 15.64
C THR B 110 6.36 -5.61 16.96
N ILE B 111 6.33 -4.60 17.83
CA ILE B 111 6.92 -4.73 19.15
C ILE B 111 5.76 -5.09 20.06
N SER B 112 5.48 -6.40 20.12
CA SER B 112 4.39 -6.98 20.91
C SER B 112 4.00 -6.20 22.16
N GLU B 113 2.77 -5.68 22.16
CA GLU B 113 2.23 -4.90 23.27
C GLU B 113 3.16 -3.76 23.66
N LYS B 114 2.76 -2.53 23.34
CA LYS B 114 3.54 -1.35 23.66
C LYS B 114 2.89 -0.13 23.02
N THR B 115 2.78 0.95 23.79
CA THR B 115 2.18 2.17 23.28
C THR B 115 3.16 2.86 22.34
N SER B 116 2.62 3.56 21.35
CA SER B 116 3.41 4.26 20.35
C SER B 116 4.36 5.33 20.89
N ASP B 117 4.07 5.88 22.06
CA ASP B 117 4.93 6.92 22.62
C ASP B 117 6.24 6.36 23.15
N GLN B 118 6.26 5.05 23.44
CA GLN B 118 7.46 4.39 23.95
C GLN B 118 8.51 4.22 22.85
N ILE B 119 8.04 4.24 21.60
CA ILE B 119 8.91 4.09 20.43
C ILE B 119 9.98 5.18 20.35
N HIS B 120 9.59 6.41 20.66
CA HIS B 120 10.52 7.52 20.62
C HIS B 120 11.65 7.33 21.62
N PHE B 121 11.31 6.84 22.81
CA PHE B 121 12.35 6.65 23.81
C PHE B 121 13.28 5.50 23.45
N PHE B 122 12.74 4.42 22.87
CA PHE B 122 13.60 3.32 22.47
C PHE B 122 14.48 3.85 21.34
N PHE B 123 13.89 4.69 20.49
CA PHE B 123 14.63 5.27 19.37
C PHE B 123 15.72 6.18 19.87
N ALA B 124 15.46 6.84 21.00
CA ALA B 124 16.46 7.71 21.60
C ALA B 124 17.60 6.85 22.17
N LYS B 125 17.24 5.71 22.77
CA LYS B 125 18.26 4.82 23.33
C LYS B 125 19.14 4.23 22.23
N LEU B 126 18.56 3.98 21.06
CA LEU B 126 19.31 3.43 19.94
C LEU B 126 20.27 4.45 19.37
N ASN B 127 19.77 5.65 19.11
CA ASN B 127 20.61 6.70 18.55
C ASN B 127 21.77 7.01 19.48
N CYS B 128 21.60 6.80 20.78
CA CYS B 128 22.67 7.09 21.73
C CYS B 128 23.77 6.06 21.57
N ARG B 129 23.38 4.80 21.39
CA ARG B 129 24.34 3.73 21.23
C ARG B 129 25.03 3.80 19.88
N LEU B 130 24.31 4.24 18.85
CA LEU B 130 24.85 4.34 17.50
C LEU B 130 25.87 5.44 17.31
N TYR B 131 25.48 6.65 17.65
CA TYR B 131 26.33 7.82 17.44
C TYR B 131 27.28 8.25 18.56
N ARG B 132 27.63 7.33 19.45
CA ARG B 132 28.56 7.65 20.55
C ARG B 132 29.99 7.25 20.18
N SER B 137 36.79 5.51 16.50
CA SER B 137 37.28 4.59 15.47
C SER B 137 36.89 5.05 14.05
N SER B 138 35.64 4.78 13.67
CA SER B 138 35.13 5.17 12.36
C SER B 138 34.03 6.18 12.56
N LYS B 139 34.03 7.24 11.76
CA LYS B 139 33.02 8.30 11.90
C LYS B 139 31.61 7.89 11.50
N LEU B 140 30.67 8.05 12.43
CA LEU B 140 29.26 7.76 12.19
C LEU B 140 28.45 8.78 12.96
N VAL B 141 28.04 9.84 12.29
CA VAL B 141 27.28 10.90 12.93
C VAL B 141 25.89 11.03 12.34
N SER B 142 25.05 11.81 13.01
CA SER B 142 23.68 12.03 12.57
C SER B 142 23.17 13.35 13.12
N ALA B 143 22.36 14.05 12.33
CA ALA B 143 21.81 15.32 12.78
C ALA B 143 20.37 15.49 12.33
N ASN B 144 19.52 15.92 13.23
CA ASN B 144 18.12 16.12 12.92
C ASN B 144 17.74 17.56 13.18
N ARG B 145 16.78 18.05 12.42
CA ARG B 145 16.36 19.43 12.59
C ARG B 145 14.98 19.70 12.02
N LEU B 146 14.27 20.64 12.64
CA LEU B 146 12.95 21.03 12.19
C LEU B 146 13.05 22.46 11.65
N PHE B 147 12.39 22.74 10.53
CA PHE B 147 12.41 24.08 9.95
C PHE B 147 10.95 24.50 9.81
N GLY B 148 10.46 25.28 10.77
CA GLY B 148 9.07 25.71 10.73
C GLY B 148 8.93 27.16 10.31
N ASP B 149 7.78 27.51 9.74
CA ASP B 149 7.56 28.90 9.29
C ASP B 149 7.53 29.89 10.45
N LYS B 150 8.25 30.99 10.30
CA LYS B 150 8.36 32.03 11.33
C LYS B 150 7.05 32.60 11.84
N SER B 151 6.04 32.69 10.98
CA SER B 151 4.78 33.27 11.42
C SER B 151 3.94 32.37 12.30
N LEU B 152 4.18 31.08 12.23
CA LEU B 152 3.41 30.14 13.02
C LEU B 152 3.89 29.97 14.45
N THR B 153 3.02 29.42 15.29
CA THR B 153 3.33 29.15 16.69
C THR B 153 3.24 27.65 16.86
N PHE B 154 4.39 27.02 17.04
CA PHE B 154 4.42 25.58 17.18
C PHE B 154 4.18 25.14 18.60
N ASN B 155 3.52 23.99 18.74
CA ASN B 155 3.21 23.43 20.03
C ASN B 155 4.49 23.17 20.82
N GLU B 156 4.55 23.71 22.02
CA GLU B 156 5.71 23.57 22.88
C GLU B 156 6.10 22.15 23.26
N THR B 157 5.15 21.32 23.68
CA THR B 157 5.48 19.94 24.04
C THR B 157 6.09 19.20 22.85
N TYR B 158 5.52 19.45 21.67
CA TYR B 158 5.98 18.83 20.44
C TYR B 158 7.43 19.25 20.19
N GLN B 159 7.67 20.54 20.32
CA GLN B 159 8.98 21.12 20.11
C GLN B 159 9.98 20.55 21.12
N ASP B 160 9.51 20.35 22.35
CA ASP B 160 10.33 19.82 23.44
C ASP B 160 10.69 18.35 23.27
N ILE B 161 9.70 17.53 22.91
CA ILE B 161 9.95 16.13 22.71
C ILE B 161 10.88 15.96 21.52
N SER B 162 10.66 16.74 20.46
CA SER B 162 11.52 16.65 19.28
C SER B 162 12.96 16.99 19.60
N GLU B 163 13.17 17.98 20.45
CA GLU B 163 14.53 18.35 20.81
C GLU B 163 15.19 17.32 21.74
N LEU B 164 14.45 16.83 22.72
CA LEU B 164 15.02 15.86 23.65
C LEU B 164 15.23 14.46 23.08
N VAL B 165 14.26 13.96 22.33
CA VAL B 165 14.37 12.62 21.78
C VAL B 165 15.27 12.54 20.53
N TYR B 166 15.09 13.45 19.58
CA TYR B 166 15.87 13.43 18.34
C TYR B 166 16.89 14.55 18.19
N GLY B 167 17.00 15.39 19.21
CA GLY B 167 17.95 16.48 19.14
C GLY B 167 17.61 17.40 17.99
N ALA B 168 16.33 17.45 17.64
CA ALA B 168 15.88 18.29 16.55
C ALA B 168 15.36 19.62 17.06
N LYS B 169 16.16 20.66 16.90
CA LYS B 169 15.76 22.00 17.33
C LYS B 169 14.93 22.59 16.19
N LEU B 170 14.07 23.54 16.52
CA LEU B 170 13.22 24.18 15.53
C LEU B 170 13.82 25.49 15.04
N GLN B 171 14.25 25.52 13.77
CA GLN B 171 14.84 26.74 13.20
C GLN B 171 13.79 27.39 12.33
N PRO B 172 13.46 28.66 12.60
CA PRO B 172 12.44 29.37 11.80
C PRO B 172 12.92 29.78 10.42
N LEU B 173 12.06 29.64 9.43
CA LEU B 173 12.36 30.05 8.07
C LEU B 173 11.12 30.75 7.55
N ASP B 174 11.30 31.56 6.52
CA ASP B 174 10.18 32.30 5.95
C ASP B 174 9.68 31.62 4.68
N PHE B 175 8.84 30.60 4.85
CA PHE B 175 8.28 29.87 3.71
C PHE B 175 7.26 30.76 3.02
N LYS B 176 6.46 31.44 3.83
CA LYS B 176 5.44 32.33 3.31
C LYS B 176 5.96 33.31 2.26
N GLU B 177 6.94 34.11 2.65
CA GLU B 177 7.47 35.11 1.72
C GLU B 177 8.70 34.72 0.93
N ASN B 178 9.53 33.82 1.45
CA ASN B 178 10.74 33.42 0.75
C ASN B 178 10.97 31.92 0.59
N ALA B 179 10.03 31.25 -0.07
CA ALA B 179 10.17 29.82 -0.26
C ALA B 179 11.54 29.41 -0.80
N GLU B 180 11.78 29.65 -2.09
CA GLU B 180 13.03 29.24 -2.72
C GLU B 180 14.31 29.58 -1.99
N GLN B 181 14.30 30.63 -1.18
CA GLN B 181 15.51 30.95 -0.43
C GLN B 181 15.57 30.02 0.77
N SER B 182 14.42 29.70 1.34
CA SER B 182 14.31 28.79 2.48
C SER B 182 14.81 27.40 2.08
N ARG B 183 14.41 26.95 0.90
CA ARG B 183 14.85 25.68 0.37
C ARG B 183 16.37 25.68 0.26
N ALA B 184 16.94 26.75 -0.28
CA ALA B 184 18.39 26.85 -0.42
C ALA B 184 19.07 26.78 0.95
N ALA B 185 18.34 27.22 1.98
CA ALA B 185 18.85 27.20 3.34
C ALA B 185 18.87 25.77 3.92
N ILE B 186 17.75 25.07 3.80
CA ILE B 186 17.66 23.71 4.30
C ILE B 186 18.65 22.82 3.54
N ASN B 187 18.76 22.98 2.23
CA ASN B 187 19.72 22.16 1.47
C ASN B 187 21.16 22.40 1.94
N LYS B 188 21.49 23.65 2.24
CA LYS B 188 22.83 23.97 2.71
C LYS B 188 23.10 23.26 4.03
N TRP B 189 22.12 23.30 4.93
CA TRP B 189 22.27 22.67 6.24
C TRP B 189 22.60 21.21 6.10
N VAL B 190 21.92 20.57 5.16
CA VAL B 190 22.10 19.13 4.97
C VAL B 190 23.40 18.86 4.29
N SER B 191 23.82 19.76 3.41
CA SER B 191 25.13 19.60 2.76
C SER B 191 26.22 19.70 3.84
N ASN B 192 25.94 20.49 4.86
CA ASN B 192 26.87 20.71 5.95
C ASN B 192 27.00 19.46 6.82
N LYS B 193 25.87 18.81 7.10
CA LYS B 193 25.85 17.61 7.93
C LYS B 193 26.29 16.33 7.22
N THR B 194 26.48 16.42 5.90
CA THR B 194 26.91 15.26 5.14
C THR B 194 28.20 15.51 4.36
N GLU B 195 28.99 16.46 4.84
CA GLU B 195 30.27 16.80 4.21
C GLU B 195 30.17 17.08 2.72
N GLY B 196 29.13 17.78 2.32
CA GLY B 196 28.96 18.12 0.92
C GLY B 196 28.48 16.98 0.04
N ARG B 197 28.17 15.83 0.63
CA ARG B 197 27.70 14.69 -0.15
C ARG B 197 26.25 14.81 -0.61
N ILE B 198 25.37 15.28 0.26
CA ILE B 198 23.96 15.44 -0.13
C ILE B 198 23.70 16.93 -0.28
N THR B 199 23.72 17.42 -1.52
CA THR B 199 23.53 18.85 -1.74
C THR B 199 22.13 19.35 -2.08
N ASP B 200 21.37 18.56 -2.85
CA ASP B 200 20.03 19.01 -3.22
C ASP B 200 18.92 18.10 -2.73
N VAL B 201 18.85 17.84 -1.42
CA VAL B 201 17.82 16.95 -0.90
C VAL B 201 16.41 17.42 -1.22
N ILE B 202 16.13 18.71 -1.07
CA ILE B 202 14.79 19.21 -1.37
C ILE B 202 14.73 19.87 -2.75
N PRO B 203 13.95 19.32 -3.69
CA PRO B 203 13.85 19.86 -5.03
C PRO B 203 13.09 21.18 -5.13
N SER B 204 13.06 21.72 -6.34
CA SER B 204 12.38 22.98 -6.62
C SER B 204 10.88 22.80 -6.57
N GLU B 205 10.19 23.86 -6.18
CA GLU B 205 8.74 23.84 -6.08
C GLU B 205 8.19 22.90 -5.01
N ALA B 206 9.07 22.22 -4.28
CA ALA B 206 8.62 21.32 -3.23
C ALA B 206 8.12 22.16 -2.07
N ILE B 207 8.68 23.36 -1.95
CA ILE B 207 8.32 24.29 -0.89
C ILE B 207 7.70 25.58 -1.44
N ASN B 208 6.57 25.98 -0.86
CA ASN B 208 5.91 27.22 -1.27
C ASN B 208 5.23 27.91 -0.11
N GLU B 209 4.55 29.01 -0.38
CA GLU B 209 3.89 29.76 0.68
C GLU B 209 3.00 28.93 1.62
N LEU B 210 2.58 27.75 1.18
CA LEU B 210 1.70 26.92 2.02
C LEU B 210 2.46 26.00 2.97
N THR B 211 3.74 25.78 2.70
CA THR B 211 4.56 24.92 3.55
C THR B 211 4.48 25.41 4.98
N VAL B 212 4.54 24.48 5.92
CA VAL B 212 4.44 24.77 7.34
C VAL B 212 5.62 24.29 8.17
N LEU B 213 6.10 23.08 7.89
CA LEU B 213 7.19 22.52 8.65
C LEU B 213 7.92 21.48 7.85
N VAL B 214 9.25 21.49 7.90
CA VAL B 214 10.04 20.50 7.18
C VAL B 214 10.91 19.79 8.20
N LEU B 215 10.72 18.48 8.33
CA LEU B 215 11.50 17.67 9.28
C LEU B 215 12.63 17.02 8.51
N VAL B 216 13.87 17.19 8.99
CA VAL B 216 15.03 16.64 8.28
C VAL B 216 15.98 15.79 9.14
N ASN B 217 16.40 14.64 8.61
CA ASN B 217 17.38 13.79 9.28
C ASN B 217 18.57 13.62 8.35
N THR B 218 19.76 13.46 8.93
CA THR B 218 20.95 13.23 8.13
C THR B 218 21.84 12.23 8.87
N ILE B 219 22.55 11.41 8.11
CA ILE B 219 23.48 10.43 8.67
C ILE B 219 24.74 10.46 7.80
N TYR B 220 25.89 10.54 8.43
CA TYR B 220 27.15 10.57 7.71
C TYR B 220 28.11 9.54 8.27
N PHE B 221 28.73 8.79 7.38
CA PHE B 221 29.65 7.73 7.77
C PHE B 221 30.89 7.69 6.90
N LYS B 222 32.04 7.54 7.53
CA LYS B 222 33.30 7.40 6.81
C LYS B 222 34.29 6.63 7.65
N GLY B 223 34.56 5.41 7.22
CA GLY B 223 35.51 4.56 7.93
C GLY B 223 36.60 4.06 7.01
N LEU B 224 37.65 3.53 7.63
CA LEU B 224 38.77 2.98 6.87
C LEU B 224 38.67 1.48 7.03
N TRP B 225 39.09 0.76 6.00
CA TRP B 225 39.07 -0.69 6.06
C TRP B 225 39.98 -1.15 7.18
N LYS B 226 39.57 -2.20 7.89
CA LYS B 226 40.39 -2.75 8.95
C LYS B 226 41.54 -3.41 8.18
N SER B 227 41.24 -3.87 6.98
CA SER B 227 42.22 -4.50 6.11
C SER B 227 42.26 -3.77 4.75
N LYS B 228 42.97 -2.64 4.74
CA LYS B 228 43.15 -1.77 3.57
C LYS B 228 43.38 -2.51 2.25
N PHE B 229 43.10 -1.85 1.13
CA PHE B 229 43.35 -2.43 -0.20
C PHE B 229 44.56 -1.67 -0.71
N SER B 230 45.35 -2.30 -1.56
CA SER B 230 46.54 -1.62 -2.09
C SER B 230 46.35 -1.20 -3.54
N PRO B 231 46.43 0.11 -3.82
CA PRO B 231 46.28 0.67 -5.17
C PRO B 231 47.02 -0.08 -6.28
N GLU B 232 48.27 -0.44 -6.02
CA GLU B 232 49.08 -1.15 -7.00
C GLU B 232 48.46 -2.47 -7.46
N ASN B 233 47.32 -2.83 -6.88
CA ASN B 233 46.65 -4.08 -7.26
C ASN B 233 45.32 -3.91 -7.96
N THR B 234 44.84 -2.69 -8.08
CA THR B 234 43.58 -2.43 -8.76
C THR B 234 43.83 -2.54 -10.27
N ARG B 235 42.87 -3.13 -10.99
CA ARG B 235 42.96 -3.35 -12.44
C ARG B 235 41.65 -3.02 -13.14
N LYS B 236 41.76 -2.63 -14.41
CA LYS B 236 40.58 -2.36 -15.20
C LYS B 236 40.08 -3.72 -15.63
N GLU B 237 38.79 -3.97 -15.52
CA GLU B 237 38.24 -5.25 -15.92
C GLU B 237 36.87 -4.98 -16.48
N LEU B 238 36.32 -5.95 -17.19
CA LEU B 238 34.99 -5.80 -17.71
C LEU B 238 34.02 -6.22 -16.64
N PHE B 239 32.97 -5.44 -16.48
CA PHE B 239 31.92 -5.73 -15.51
C PHE B 239 30.68 -5.92 -16.37
N TYR B 240 29.93 -7.00 -16.15
CA TYR B 240 28.72 -7.28 -16.93
C TYR B 240 27.41 -6.94 -16.22
N LYS B 241 26.69 -5.96 -16.75
CA LYS B 241 25.41 -5.55 -16.15
C LYS B 241 24.30 -6.57 -16.35
N ALA B 242 23.16 -6.33 -15.71
CA ALA B 242 22.03 -7.25 -15.78
C ALA B 242 21.48 -7.52 -17.18
N ASP B 243 21.49 -6.51 -18.05
CA ASP B 243 20.98 -6.68 -19.41
C ASP B 243 22.02 -7.34 -20.31
N GLY B 244 23.17 -7.69 -19.74
CA GLY B 244 24.22 -8.33 -20.52
C GLY B 244 25.30 -7.41 -21.06
N GLU B 245 25.03 -6.12 -21.11
CA GLU B 245 26.01 -5.16 -21.63
C GLU B 245 27.21 -5.10 -20.69
N SER B 246 28.35 -4.66 -21.21
CA SER B 246 29.54 -4.59 -20.38
C SER B 246 30.08 -3.17 -20.33
N CYS B 247 30.93 -2.89 -19.35
CA CYS B 247 31.52 -1.57 -19.22
C CYS B 247 32.83 -1.78 -18.49
N SER B 248 33.69 -0.77 -18.49
CA SER B 248 34.98 -0.94 -17.84
C SER B 248 34.98 -0.54 -16.36
N ALA B 249 35.52 -1.41 -15.51
CA ALA B 249 35.53 -1.11 -14.09
C ALA B 249 36.91 -1.28 -13.47
N SER B 250 37.16 -0.54 -12.40
CA SER B 250 38.44 -0.66 -11.71
C SER B 250 38.15 -1.65 -10.59
N MET B 251 38.79 -2.82 -10.64
CA MET B 251 38.57 -3.83 -9.62
C MET B 251 39.71 -3.86 -8.64
N MET B 252 39.40 -3.86 -7.34
CA MET B 252 40.41 -3.90 -6.30
C MET B 252 40.73 -5.35 -5.96
N TYR B 253 41.90 -5.59 -5.39
CA TYR B 253 42.31 -6.95 -5.05
C TYR B 253 43.23 -7.09 -3.82
N GLN B 254 42.89 -8.05 -2.96
CA GLN B 254 43.69 -8.36 -1.77
C GLN B 254 43.28 -9.74 -1.26
N GLU B 255 44.22 -10.42 -0.60
CA GLU B 255 43.95 -11.74 -0.05
C GLU B 255 44.18 -11.67 1.45
N GLY B 256 43.35 -12.35 2.23
CA GLY B 256 43.52 -12.32 3.67
C GLY B 256 42.43 -13.09 4.37
N LYS B 257 42.42 -13.00 5.70
CA LYS B 257 41.43 -13.68 6.52
C LYS B 257 40.16 -12.80 6.60
N PHE B 258 39.04 -13.34 6.14
CA PHE B 258 37.78 -12.62 6.16
C PHE B 258 36.61 -13.54 6.48
N ARG B 259 35.59 -13.01 7.14
CA ARG B 259 34.41 -13.80 7.47
C ARG B 259 33.69 -13.97 6.14
N TYR B 260 33.34 -15.20 5.81
CA TYR B 260 32.70 -15.50 4.54
C TYR B 260 31.79 -16.70 4.72
N ARG B 261 31.05 -17.02 3.67
CA ARG B 261 30.15 -18.17 3.72
C ARG B 261 29.45 -18.35 2.39
N ARG B 262 29.33 -19.60 1.96
CA ARG B 262 28.65 -19.89 0.71
C ARG B 262 27.37 -20.62 1.11
N VAL B 263 26.29 -19.85 1.22
CA VAL B 263 24.97 -20.36 1.63
C VAL B 263 24.35 -21.36 0.66
N ALA B 264 23.01 -21.40 0.65
CA ALA B 264 22.28 -22.34 -0.19
C ALA B 264 22.02 -21.76 -1.58
N GLU B 265 21.91 -22.66 -2.55
CA GLU B 265 21.67 -22.27 -3.93
C GLU B 265 22.90 -21.56 -4.47
N GLY B 266 23.95 -21.50 -3.66
CA GLY B 266 25.18 -20.87 -4.10
C GLY B 266 25.43 -19.41 -3.82
N THR B 267 24.57 -18.78 -3.02
CA THR B 267 24.72 -17.38 -2.69
C THR B 267 25.93 -17.18 -1.77
N GLN B 268 26.67 -16.10 -1.97
CA GLN B 268 27.86 -15.80 -1.17
C GLN B 268 27.66 -14.57 -0.29
N VAL B 269 28.20 -14.61 0.92
CA VAL B 269 28.09 -13.47 1.82
C VAL B 269 29.51 -13.16 2.31
N LEU B 270 29.94 -11.93 2.11
CA LEU B 270 31.30 -11.51 2.50
C LEU B 270 31.23 -10.27 3.39
N GLU B 271 31.91 -10.33 4.55
CA GLU B 271 31.90 -9.19 5.48
C GLU B 271 33.25 -8.48 5.59
N LEU B 272 33.28 -7.23 5.15
CA LEU B 272 34.50 -6.42 5.20
C LEU B 272 34.35 -5.44 6.37
N PRO B 273 35.10 -5.64 7.46
CA PRO B 273 34.98 -4.74 8.60
C PRO B 273 35.85 -3.50 8.56
N PHE B 274 35.39 -2.45 9.24
CA PHE B 274 36.10 -1.20 9.32
C PHE B 274 36.92 -1.21 10.62
N LYS B 275 37.95 -0.36 10.68
CA LYS B 275 38.86 -0.30 11.83
C LYS B 275 38.35 -0.69 13.22
N GLY B 276 37.16 -0.25 13.61
CA GLY B 276 36.67 -0.60 14.93
C GLY B 276 36.06 -1.99 15.08
N ASP B 277 35.66 -2.57 13.97
CA ASP B 277 35.04 -3.90 13.94
C ASP B 277 33.53 -3.92 14.23
N ASP B 278 33.00 -2.83 14.77
CA ASP B 278 31.57 -2.79 15.08
C ASP B 278 30.67 -2.31 13.94
N ILE B 279 31.29 -1.78 12.90
CA ILE B 279 30.59 -1.36 11.70
C ILE B 279 31.28 -2.14 10.60
N THR B 280 30.50 -2.81 9.76
CA THR B 280 31.06 -3.62 8.69
C THR B 280 30.26 -3.48 7.41
N MET B 281 30.88 -3.82 6.29
CA MET B 281 30.19 -3.79 5.02
C MET B 281 29.96 -5.26 4.66
N VAL B 282 28.73 -5.61 4.29
CA VAL B 282 28.42 -6.98 3.93
C VAL B 282 28.02 -7.02 2.48
N LEU B 283 28.69 -7.85 1.71
CA LEU B 283 28.40 -7.99 0.29
C LEU B 283 27.69 -9.31 0.00
N ILE B 284 26.65 -9.26 -0.83
CA ILE B 284 25.94 -10.48 -1.18
C ILE B 284 25.90 -10.65 -2.69
N LEU B 285 26.54 -11.72 -3.16
CA LEU B 285 26.63 -12.04 -4.58
C LEU B 285 25.83 -13.31 -4.84
N PRO B 286 25.01 -13.33 -5.88
CA PRO B 286 24.24 -14.54 -6.16
C PRO B 286 25.11 -15.51 -6.95
N LYS B 287 24.66 -16.76 -7.08
CA LYS B 287 25.41 -17.76 -7.83
C LYS B 287 25.51 -17.26 -9.28
N PRO B 288 26.68 -17.47 -9.92
CA PRO B 288 26.89 -17.03 -11.30
C PRO B 288 25.74 -17.28 -12.26
N GLU B 289 25.00 -18.37 -12.04
CA GLU B 289 23.88 -18.69 -12.90
C GLU B 289 22.57 -18.03 -12.49
N LYS B 290 22.36 -17.80 -11.20
CA LYS B 290 21.13 -17.18 -10.72
C LYS B 290 21.20 -15.65 -10.72
N SER B 291 20.06 -15.00 -10.96
CA SER B 291 19.99 -13.55 -11.00
C SER B 291 19.84 -12.92 -9.62
N LEU B 292 20.31 -11.68 -9.50
CA LEU B 292 20.24 -10.92 -8.26
C LEU B 292 18.80 -10.76 -7.79
N ALA B 293 17.87 -10.83 -8.73
CA ALA B 293 16.46 -10.70 -8.41
C ALA B 293 15.96 -11.88 -7.60
N LYS B 294 16.62 -13.01 -7.75
CA LYS B 294 16.21 -14.18 -7.00
C LYS B 294 16.57 -13.93 -5.55
N VAL B 295 17.79 -13.43 -5.35
CA VAL B 295 18.24 -13.14 -4.00
C VAL B 295 17.49 -11.98 -3.34
N GLU B 296 17.05 -11.01 -4.13
CA GLU B 296 16.33 -9.86 -3.58
C GLU B 296 14.94 -10.22 -3.09
N LYS B 297 14.24 -11.10 -3.80
CA LYS B 297 12.89 -11.47 -3.39
C LYS B 297 12.87 -12.39 -2.18
N GLU B 298 13.93 -13.16 -2.03
CA GLU B 298 14.06 -14.10 -0.92
C GLU B 298 14.56 -13.41 0.36
N LEU B 299 15.05 -12.20 0.20
CA LEU B 299 15.59 -11.40 1.30
C LEU B 299 14.62 -11.02 2.40
N THR B 300 14.82 -11.57 3.60
CA THR B 300 13.97 -11.21 4.74
C THR B 300 14.93 -10.90 5.88
N PRO B 301 14.45 -10.30 6.97
CA PRO B 301 15.38 -10.01 8.05
C PRO B 301 15.94 -11.27 8.70
N GLU B 302 15.14 -12.34 8.71
CA GLU B 302 15.52 -13.63 9.30
C GLU B 302 16.58 -14.34 8.45
N VAL B 303 16.36 -14.34 7.14
CA VAL B 303 17.30 -14.96 6.21
C VAL B 303 18.63 -14.22 6.33
N LEU B 304 18.58 -12.90 6.30
CA LEU B 304 19.77 -12.10 6.41
C LEU B 304 20.51 -12.48 7.68
N GLN B 305 19.76 -12.65 8.77
CA GLN B 305 20.39 -13.01 10.04
C GLN B 305 21.01 -14.39 10.02
N GLU B 306 20.34 -15.35 9.39
CA GLU B 306 20.89 -16.70 9.29
C GLU B 306 22.25 -16.65 8.60
N TRP B 307 22.30 -15.99 7.44
CA TRP B 307 23.55 -15.88 6.70
C TRP B 307 24.64 -15.29 7.58
N LEU B 308 24.40 -14.10 8.11
CA LEU B 308 25.39 -13.46 8.94
C LEU B 308 25.83 -14.41 10.04
N ASP B 309 24.85 -15.03 10.70
CA ASP B 309 25.14 -15.97 11.78
C ASP B 309 26.20 -16.98 11.38
N GLU B 310 25.86 -17.83 10.42
CA GLU B 310 26.77 -18.88 9.95
C GLU B 310 27.92 -18.39 9.09
N LEU B 311 28.62 -17.34 9.54
CA LEU B 311 29.75 -16.78 8.80
C LEU B 311 31.04 -17.25 9.47
N GLU B 312 31.91 -17.94 8.73
CA GLU B 312 33.17 -18.40 9.28
C GLU B 312 34.36 -17.66 8.69
N GLU B 313 35.38 -17.38 9.50
CA GLU B 313 36.55 -16.68 9.00
C GLU B 313 37.47 -17.62 8.27
N MET B 314 38.07 -17.14 7.20
CA MET B 314 38.97 -17.98 6.43
C MET B 314 39.84 -17.18 5.50
N MET B 315 40.85 -17.85 4.96
CA MET B 315 41.79 -17.24 4.04
C MET B 315 41.11 -17.14 2.69
N LEU B 316 40.96 -15.93 2.16
CA LEU B 316 40.32 -15.79 0.86
C LEU B 316 40.76 -14.55 0.11
N VAL B 317 40.42 -14.51 -1.17
CA VAL B 317 40.75 -13.37 -2.02
C VAL B 317 39.52 -12.51 -2.25
N VAL B 318 39.55 -11.26 -1.78
CA VAL B 318 38.41 -10.38 -2.00
C VAL B 318 38.69 -9.58 -3.26
N HIS B 319 37.70 -9.57 -4.16
CA HIS B 319 37.82 -8.91 -5.44
C HIS B 319 36.59 -8.07 -5.67
N MET B 320 36.68 -6.77 -5.46
CA MET B 320 35.52 -5.92 -5.66
C MET B 320 35.85 -4.59 -6.33
N PRO B 321 34.87 -3.99 -7.01
CA PRO B 321 35.05 -2.71 -7.70
C PRO B 321 35.11 -1.48 -6.80
N ARG B 322 35.86 -0.47 -7.22
CA ARG B 322 35.92 0.77 -6.48
C ARG B 322 34.93 1.58 -7.30
N PHE B 323 34.09 2.36 -6.63
CA PHE B 323 33.04 3.09 -7.33
C PHE B 323 32.35 4.09 -6.42
N ARG B 324 31.41 4.81 -7.00
CA ARG B 324 30.61 5.75 -6.24
C ARG B 324 29.24 5.73 -6.86
N ILE B 325 28.20 5.76 -6.04
CA ILE B 325 26.86 5.77 -6.57
C ILE B 325 26.01 6.72 -5.75
N GLU B 326 25.17 7.48 -6.45
CA GLU B 326 24.30 8.44 -5.80
C GLU B 326 22.90 8.05 -6.23
N ASP B 327 21.96 8.06 -5.28
CA ASP B 327 20.60 7.68 -5.60
C ASP B 327 19.63 8.54 -4.83
N GLY B 328 18.39 8.62 -5.31
CA GLY B 328 17.40 9.44 -4.64
C GLY B 328 16.01 9.11 -5.14
N PHE B 329 15.00 9.44 -4.35
CA PHE B 329 13.64 9.14 -4.74
C PHE B 329 12.61 9.74 -3.81
N SER B 330 11.39 9.87 -4.30
CA SER B 330 10.30 10.41 -3.49
C SER B 330 9.69 9.33 -2.60
N LEU B 331 9.67 9.55 -1.30
CA LEU B 331 9.11 8.56 -0.39
C LEU B 331 7.58 8.51 -0.48
N LYS B 332 6.97 9.66 -0.70
CA LYS B 332 5.52 9.71 -0.83
C LYS B 332 5.11 8.76 -1.96
N GLU B 333 5.82 8.86 -3.07
CA GLU B 333 5.53 8.04 -4.22
C GLU B 333 5.76 6.56 -3.93
N GLN B 334 6.93 6.23 -3.41
CA GLN B 334 7.27 4.86 -3.08
C GLN B 334 6.42 4.24 -1.97
N LEU B 335 6.18 4.99 -0.90
CA LEU B 335 5.39 4.47 0.20
C LEU B 335 3.96 4.08 -0.16
N GLN B 336 3.29 4.94 -0.92
CA GLN B 336 1.90 4.68 -1.30
C GLN B 336 1.67 3.71 -2.47
N ASP B 337 2.73 3.16 -3.04
CA ASP B 337 2.58 2.23 -4.15
C ASP B 337 2.77 0.79 -3.73
N MET B 338 2.58 0.53 -2.45
CA MET B 338 2.75 -0.82 -1.93
C MET B 338 1.41 -1.51 -1.72
N GLY B 339 0.77 -1.89 -2.82
CA GLY B 339 -0.51 -2.58 -2.76
C GLY B 339 -0.38 -4.03 -3.22
N LEU B 340 -1.33 -4.47 -4.04
CA LEU B 340 -1.30 -5.83 -4.57
C LEU B 340 -0.22 -5.93 -5.65
N VAL B 341 0.99 -6.34 -5.25
CA VAL B 341 2.09 -6.44 -6.19
C VAL B 341 2.40 -7.87 -6.65
N ASP B 342 2.75 -8.73 -5.70
CA ASP B 342 3.11 -10.12 -6.02
C ASP B 342 2.18 -10.88 -6.97
N LEU B 343 0.90 -10.94 -6.63
CA LEU B 343 -0.06 -11.66 -7.45
C LEU B 343 0.01 -11.33 -8.94
N PHE B 344 0.49 -10.13 -9.27
CA PHE B 344 0.57 -9.73 -10.67
C PHE B 344 1.97 -9.90 -11.26
N SER B 345 2.89 -10.46 -10.49
CA SER B 345 4.25 -10.66 -10.96
C SER B 345 4.58 -12.12 -11.26
N PRO B 346 5.02 -12.41 -12.49
CA PRO B 346 5.35 -13.78 -12.87
C PRO B 346 6.39 -14.40 -11.93
N GLU B 347 7.37 -13.59 -11.55
CA GLU B 347 8.42 -14.06 -10.66
C GLU B 347 7.96 -14.23 -9.22
N LYS B 348 7.39 -13.18 -8.66
CA LYS B 348 6.97 -13.19 -7.27
C LYS B 348 5.64 -13.85 -6.90
N SER B 349 4.75 -14.01 -7.86
CA SER B 349 3.46 -14.62 -7.55
C SER B 349 3.60 -16.01 -6.98
N LYS B 350 2.83 -16.30 -5.93
CA LYS B 350 2.83 -17.61 -5.27
C LYS B 350 1.41 -18.16 -5.21
N LEU B 351 1.06 -19.02 -6.17
CA LEU B 351 -0.28 -19.61 -6.20
C LEU B 351 -0.15 -21.13 -6.34
N PRO B 352 0.57 -21.75 -5.40
CA PRO B 352 0.80 -23.20 -5.38
C PRO B 352 -0.43 -24.07 -5.23
N GLY B 353 -1.50 -23.50 -4.67
CA GLY B 353 -2.70 -24.29 -4.44
C GLY B 353 -3.63 -24.61 -5.60
N ILE B 354 -3.53 -23.87 -6.70
CA ILE B 354 -4.43 -24.09 -7.82
C ILE B 354 -4.22 -25.34 -8.68
N VAL B 355 -3.01 -25.52 -9.21
CA VAL B 355 -2.74 -26.66 -10.09
C VAL B 355 -2.22 -27.94 -9.46
N ALA B 356 -2.50 -29.03 -10.18
CA ALA B 356 -2.14 -30.41 -9.84
C ALA B 356 -1.06 -30.63 -8.80
N GLU B 357 0.14 -30.05 -8.99
CA GLU B 357 1.19 -30.30 -8.01
C GLU B 357 2.20 -29.22 -7.65
N GLY B 358 1.72 -28.07 -7.19
CA GLY B 358 2.60 -26.99 -6.78
C GLY B 358 3.13 -26.05 -7.85
N ARG B 359 2.73 -26.29 -9.09
CA ARG B 359 3.14 -25.45 -10.22
C ARG B 359 3.00 -23.96 -9.86
N ASP B 360 4.09 -23.30 -9.47
CA ASP B 360 4.00 -21.88 -9.10
C ASP B 360 4.50 -20.84 -10.10
N ASP B 361 4.31 -21.08 -11.38
CA ASP B 361 4.71 -20.12 -12.40
C ASP B 361 3.42 -19.36 -12.78
N LEU B 362 2.38 -19.57 -11.97
CA LEU B 362 1.08 -18.93 -12.16
C LEU B 362 1.07 -17.55 -11.55
N TYR B 363 0.39 -16.63 -12.23
CA TYR B 363 0.30 -15.25 -11.79
C TYR B 363 -0.88 -14.63 -12.52
N VAL B 364 -1.53 -13.65 -11.90
CA VAL B 364 -2.66 -12.99 -12.55
C VAL B 364 -2.11 -12.05 -13.62
N SER B 365 -2.43 -12.34 -14.88
CA SER B 365 -1.96 -11.52 -15.97
C SER B 365 -2.79 -10.26 -16.02
N ASP B 366 -4.02 -10.34 -15.52
CA ASP B 366 -4.91 -9.19 -15.52
C ASP B 366 -6.29 -9.55 -14.98
N ALA B 367 -6.97 -8.54 -14.44
CA ALA B 367 -8.30 -8.75 -13.88
C ALA B 367 -9.18 -7.59 -14.33
N PHE B 368 -10.42 -7.87 -14.66
CA PHE B 368 -11.32 -6.82 -15.13
C PHE B 368 -12.58 -6.70 -14.31
N HIS B 369 -13.28 -5.58 -14.50
CA HIS B 369 -14.53 -5.33 -13.80
C HIS B 369 -15.46 -4.58 -14.75
N LYS B 370 -16.72 -5.00 -14.77
CA LYS B 370 -17.73 -4.40 -15.62
C LYS B 370 -18.97 -4.20 -14.74
N ALA B 371 -19.64 -3.06 -14.83
CA ALA B 371 -20.82 -2.82 -14.03
C ALA B 371 -21.87 -2.03 -14.79
N PHE B 372 -23.12 -2.15 -14.37
CA PHE B 372 -24.23 -1.48 -15.04
C PHE B 372 -25.27 -0.97 -14.06
N LEU B 373 -25.76 0.24 -14.29
CA LEU B 373 -26.77 0.84 -13.43
C LEU B 373 -27.88 1.55 -14.18
N GLU B 374 -29.12 1.21 -13.85
CA GLU B 374 -30.26 1.86 -14.47
C GLU B 374 -31.23 2.24 -13.37
N VAL B 375 -31.69 3.49 -13.42
CA VAL B 375 -32.61 4.03 -12.44
C VAL B 375 -33.76 4.68 -13.17
N ASN B 376 -34.98 4.30 -12.82
CA ASN B 376 -36.15 4.89 -13.44
C ASN B 376 -37.28 5.02 -12.43
N GLU B 377 -38.48 5.33 -12.92
CA GLU B 377 -39.64 5.53 -12.08
C GLU B 377 -40.09 4.32 -11.28
N GLU B 378 -39.90 3.13 -11.83
CA GLU B 378 -40.33 1.93 -11.15
C GLU B 378 -39.37 1.35 -10.12
N GLY B 379 -38.08 1.62 -10.30
CA GLY B 379 -37.08 1.13 -9.37
C GLY B 379 -35.71 1.25 -10.01
N SER B 380 -34.81 0.32 -9.70
CA SER B 380 -33.49 0.37 -10.31
C SER B 380 -32.94 -1.04 -10.53
N GLU B 381 -32.07 -1.16 -11.52
CA GLU B 381 -31.47 -2.43 -11.87
C GLU B 381 -29.96 -2.24 -11.92
N ALA B 382 -29.23 -3.16 -11.30
CA ALA B 382 -27.78 -3.07 -11.25
C ALA B 382 -27.10 -4.42 -11.46
N ALA B 383 -26.04 -4.42 -12.26
CA ALA B 383 -25.29 -5.65 -12.52
C ALA B 383 -23.81 -5.40 -12.49
N ALA B 384 -23.02 -6.45 -12.29
CA ALA B 384 -21.57 -6.30 -12.25
C ALA B 384 -20.87 -7.64 -12.36
N SER B 385 -19.64 -7.63 -12.85
CA SER B 385 -18.88 -8.86 -12.98
C SER B 385 -17.40 -8.59 -12.81
N THR B 386 -16.70 -9.52 -12.16
CA THR B 386 -15.27 -9.38 -11.95
C THR B 386 -14.58 -10.62 -12.48
N ALA B 387 -13.57 -10.41 -13.32
CA ALA B 387 -12.84 -11.53 -13.91
C ALA B 387 -11.36 -11.50 -13.57
N VAL B 388 -10.89 -12.54 -12.86
CA VAL B 388 -9.47 -12.65 -12.52
C VAL B 388 -8.86 -13.65 -13.52
N VAL B 389 -7.90 -13.19 -14.32
CA VAL B 389 -7.28 -14.02 -15.34
C VAL B 389 -5.87 -14.50 -15.01
N ILE B 390 -5.77 -15.72 -14.49
CA ILE B 390 -4.48 -16.30 -14.12
C ILE B 390 -3.81 -17.01 -15.29
N ALA B 391 -2.51 -16.79 -15.45
CA ALA B 391 -1.77 -17.42 -16.53
C ALA B 391 -0.44 -17.95 -16.02
N GLY B 392 0.10 -18.91 -16.75
CA GLY B 392 1.40 -19.45 -16.38
C GLY B 392 2.38 -18.90 -17.39
N ARG B 393 3.61 -18.62 -16.99
CA ARG B 393 4.60 -18.07 -17.91
C ARG B 393 6.00 -18.55 -17.60
N SER B 394 6.91 -17.60 -17.42
CA SER B 394 8.29 -17.95 -17.14
C SER B 394 9.12 -16.68 -17.11
N LEU B 395 10.42 -16.81 -16.82
CA LEU B 395 11.36 -15.69 -16.76
C LEU B 395 12.38 -16.12 -17.80
N ASN B 396 12.74 -15.22 -18.71
CA ASN B 396 13.70 -15.58 -19.73
C ASN B 396 15.00 -15.91 -19.02
N PRO B 397 15.87 -16.76 -19.64
CA PRO B 397 17.11 -17.07 -18.94
C PRO B 397 17.94 -15.80 -18.75
N ASN B 398 18.89 -15.82 -17.82
CA ASN B 398 19.74 -14.66 -17.58
C ASN B 398 20.72 -14.56 -18.75
N ARG B 399 20.89 -13.35 -19.27
CA ARG B 399 21.80 -13.16 -20.40
C ARG B 399 23.22 -13.67 -20.12
N VAL B 400 23.77 -13.31 -18.95
CA VAL B 400 25.12 -13.75 -18.58
C VAL B 400 25.10 -14.90 -17.57
N THR B 401 25.71 -16.02 -17.94
CA THR B 401 25.74 -17.19 -17.06
C THR B 401 27.16 -17.51 -16.62
N PHE B 402 28.14 -17.13 -17.43
CA PHE B 402 29.53 -17.41 -17.11
C PHE B 402 30.05 -16.57 -15.94
N LYS B 403 30.96 -17.15 -15.16
CA LYS B 403 31.54 -16.45 -14.03
C LYS B 403 32.13 -15.12 -14.52
N ALA B 404 31.72 -14.03 -13.90
CA ALA B 404 32.22 -12.72 -14.27
C ALA B 404 31.77 -11.71 -13.21
N ASN B 405 32.34 -10.51 -13.25
CA ASN B 405 31.97 -9.45 -12.32
C ASN B 405 30.54 -9.00 -12.57
N ARG B 406 29.62 -9.35 -11.68
CA ARG B 406 28.21 -9.02 -11.82
C ARG B 406 27.70 -8.12 -10.69
N PRO B 407 26.47 -7.60 -10.82
CA PRO B 407 25.94 -6.75 -9.74
C PRO B 407 25.70 -7.53 -8.45
N PHE B 408 25.89 -6.85 -7.32
CA PHE B 408 25.71 -7.43 -5.99
C PHE B 408 25.00 -6.49 -5.00
N LEU B 409 24.61 -7.06 -3.86
CA LEU B 409 23.96 -6.27 -2.82
C LEU B 409 25.00 -5.76 -1.84
N VAL B 410 24.71 -4.63 -1.21
CA VAL B 410 25.62 -4.02 -0.24
C VAL B 410 24.87 -3.56 1.02
N PHE B 411 25.44 -3.84 2.17
CA PHE B 411 24.83 -3.39 3.43
C PHE B 411 25.95 -2.83 4.31
N ILE B 412 25.69 -1.75 5.01
CA ILE B 412 26.67 -1.24 5.95
C ILE B 412 25.91 -1.38 7.27
N ARG B 413 26.34 -2.32 8.10
CA ARG B 413 25.70 -2.63 9.37
C ARG B 413 26.51 -2.23 10.60
N GLU B 414 25.79 -2.11 11.71
CA GLU B 414 26.37 -1.83 13.01
C GLU B 414 26.06 -3.20 13.63
N VAL B 415 27.07 -4.01 13.90
CA VAL B 415 26.80 -5.36 14.41
C VAL B 415 26.32 -5.52 15.84
N PRO B 416 26.99 -4.90 16.84
CA PRO B 416 26.42 -5.13 18.18
C PRO B 416 24.99 -4.64 18.34
N LEU B 417 24.58 -3.66 17.53
CA LEU B 417 23.24 -3.11 17.61
C LEU B 417 22.30 -3.67 16.55
N ASN B 418 22.75 -4.69 15.83
CA ASN B 418 21.96 -5.32 14.78
C ASN B 418 21.19 -4.28 13.95
N THR B 419 21.90 -3.24 13.51
CA THR B 419 21.26 -2.18 12.71
C THR B 419 21.79 -2.00 11.27
N ILE B 420 20.86 -1.97 10.33
CA ILE B 420 21.17 -1.75 8.93
C ILE B 420 21.17 -0.24 8.73
N ILE B 421 22.35 0.35 8.56
CA ILE B 421 22.47 1.80 8.38
C ILE B 421 22.25 2.15 6.91
N PHE B 422 23.03 1.50 6.06
CA PHE B 422 22.91 1.73 4.63
C PHE B 422 22.71 0.40 3.93
N MET B 423 22.19 0.45 2.71
CA MET B 423 22.00 -0.76 1.94
C MET B 423 21.68 -0.39 0.51
N GLY B 424 21.98 -1.29 -0.41
CA GLY B 424 21.70 -1.00 -1.80
C GLY B 424 22.14 -2.09 -2.74
N ARG B 425 22.06 -1.78 -4.03
CA ARG B 425 22.44 -2.71 -5.06
C ARG B 425 23.48 -2.01 -5.92
N VAL B 426 24.63 -2.64 -6.11
CA VAL B 426 25.68 -2.07 -6.95
C VAL B 426 25.51 -2.76 -8.29
N ALA B 427 24.74 -2.14 -9.18
CA ALA B 427 24.47 -2.70 -10.50
C ALA B 427 25.37 -2.16 -11.60
N ASN B 428 25.97 -1.00 -11.37
CA ASN B 428 26.83 -0.37 -12.37
C ASN B 428 27.89 0.44 -11.68
N PRO B 429 29.09 -0.13 -11.48
CA PRO B 429 30.17 0.60 -10.81
C PRO B 429 31.12 1.24 -11.81
N CYS B 430 30.63 1.47 -13.02
CA CYS B 430 31.48 2.03 -14.05
C CYS B 430 31.60 3.53 -14.26
N VAL B 431 32.63 3.87 -15.04
CA VAL B 431 32.98 5.23 -15.42
C VAL B 431 32.89 6.24 -14.29
C1 NAG C . 5.61 -20.12 2.22
C2 NAG C . 7.08 -20.48 2.41
C3 NAG C . 7.22 -22.00 2.53
C4 NAG C . 6.25 -22.60 3.58
C5 NAG C . 4.83 -22.01 3.47
C6 NAG C . 3.98 -22.34 4.69
C7 NAG C . 8.70 -19.00 1.44
C8 NAG C . 8.38 -17.69 0.73
N2 NAG C . 7.85 -20.00 1.28
O3 NAG C . 8.55 -22.32 2.89
O4 NAG C . 6.16 -24.03 3.36
O5 NAG C . 4.87 -20.57 3.36
O6 NAG C . 2.74 -21.63 4.68
O7 NAG C . 9.72 -19.08 2.12
C1 NAG C . 7.10 -24.84 3.97
C2 NAG C . 6.50 -26.23 4.22
C3 NAG C . 7.55 -27.13 4.86
C4 NAG C . 8.83 -27.17 4.02
C5 NAG C . 9.30 -25.75 3.66
C6 NAG C . 10.43 -25.77 2.63
C7 NAG C . 4.24 -26.82 4.81
C8 NAG C . 3.20 -26.15 3.92
N2 NAG C . 5.34 -26.12 5.08
O3 NAG C . 7.03 -28.46 4.97
O4 NAG C . 9.86 -27.84 4.74
O5 NAG C . 8.22 -24.98 3.09
O6 NAG C . 11.32 -24.68 2.81
O7 NAG C . 4.06 -27.96 5.22
C1 NAG D . -3.78 -30.08 -3.15
C2 NAG D . -2.53 -30.96 -2.96
C3 NAG D . -2.44 -31.43 -1.51
C4 NAG D . -2.67 -30.31 -0.48
C5 NAG D . -3.86 -29.40 -0.88
C6 NAG D . -3.94 -28.14 -0.04
C7 NAG D . -2.08 -32.07 -5.05
C8 NAG D . -2.77 -32.91 -6.13
N2 NAG D . -2.60 -32.11 -3.83
O3 NAG D . -1.15 -32.00 -1.29
O4 NAG D . -2.99 -30.91 0.80
O5 NAG D . -3.74 -28.98 -2.25
O6 NAG D . -5.30 -27.74 0.15
O7 NAG D . -1.07 -31.41 -5.33
C1 NAG D . -1.96 -31.18 1.68
C2 NAG D . -2.57 -31.24 3.08
C3 NAG D . -1.55 -31.75 4.09
C4 NAG D . -1.07 -33.11 3.62
C5 NAG D . -0.43 -32.95 2.24
C6 NAG D . 0.03 -34.29 1.72
C7 NAG D . -4.34 -29.80 3.82
C8 NAG D . -5.40 -30.06 2.76
N2 NAG D . -3.06 -29.94 3.47
O3 NAG D . -2.13 -31.86 5.38
O4 NAG D . -0.12 -33.63 4.55
O5 NAG D . -1.40 -32.45 1.30
O6 NAG D . -1.02 -34.95 1.02
O7 NAG D . -4.68 -29.47 4.95
C1 MAN D . -0.40 -34.91 5.04
C2 MAN D . -1.23 -34.85 6.35
C3 MAN D . -0.36 -34.44 7.53
C4 MAN D . 0.88 -35.34 7.60
C5 MAN D . 1.65 -35.19 6.29
C6 MAN D . 2.90 -36.04 6.25
O2 MAN D . -1.82 -36.13 6.62
O3 MAN D . -1.09 -34.56 8.73
O4 MAN D . 1.70 -34.98 8.71
O5 MAN D . 0.83 -35.64 5.18
O6 MAN D . 2.74 -37.14 5.37
C1 NAG E . 0.41 20.83 22.68
C2 NAG E . -0.97 21.31 23.09
C3 NAG E . -1.39 20.61 24.38
C4 NAG E . -1.14 19.09 24.36
C5 NAG E . 0.22 18.75 23.78
C6 NAG E . 0.40 17.27 23.53
C7 NAG E . -1.30 23.63 22.39
C8 NAG E . -0.82 25.05 22.59
N2 NAG E . -0.96 22.74 23.34
O3 NAG E . -2.78 20.84 24.58
O4 NAG E . -1.18 18.57 25.70
O5 NAG E . 0.41 19.41 22.52
O6 NAG E . 1.72 16.87 23.85
O7 NAG E . -1.97 23.34 21.40
C1 NAG E . -2.41 18.50 26.31
C2 NAG E . -2.40 17.35 27.31
C3 NAG E . -3.71 17.35 28.10
C4 NAG E . -3.86 18.70 28.81
C5 NAG E . -3.85 19.78 27.74
C6 NAG E . -4.06 21.19 28.27
C7 NAG E . -1.22 15.27 27.06
C8 NAG E . -1.58 13.80 27.23
N2 NAG E . -2.18 16.09 26.63
O3 NAG E . -3.76 16.25 29.01
O4 NAG E . -5.11 18.77 29.55
O5 NAG E . -2.61 19.75 27.01
O6 NAG E . -5.04 21.86 27.49
O7 NAG E . -0.08 15.66 27.35
C1 MAN E . -4.96 18.84 30.91
C2 MAN E . -4.68 17.44 31.49
C3 MAN E . -5.89 16.81 32.18
C4 MAN E . -6.47 17.84 33.11
C5 MAN E . -7.08 18.91 32.22
C6 MAN E . -7.83 19.95 33.05
O2 MAN E . -3.62 17.53 32.40
O3 MAN E . -5.50 15.67 32.91
O4 MAN E . -7.45 17.24 33.94
O5 MAN E . -6.05 19.62 31.50
O6 MAN E . -6.95 21.03 33.34
C1 NAG F . -28.81 -18.89 -18.91
C2 NAG F . -29.75 -18.84 -20.15
C3 NAG F . -31.05 -19.62 -19.93
C4 NAG F . -30.76 -21.01 -19.37
C5 NAG F . -29.95 -20.85 -18.09
C6 NAG F . -29.66 -22.13 -17.31
C7 NAG F . -30.55 -17.09 -21.61
C8 NAG F . -32.04 -16.79 -21.74
N2 NAG F . -30.10 -17.45 -20.42
O3 NAG F . -31.78 -19.72 -21.15
O4 NAG F . -31.97 -21.69 -19.10
O5 NAG F . -28.67 -20.23 -18.41
O6 NAG F . -28.70 -21.91 -16.28
O7 NAG F . -29.83 -16.99 -22.61
C1 NAG G . -9.04 10.71 17.25
C2 NAG G . -10.57 10.76 17.30
C3 NAG G . -11.05 11.53 18.55
C4 NAG G . -10.37 10.98 19.81
C5 NAG G . -8.85 11.01 19.62
C6 NAG G . -8.10 10.47 20.80
C7 NAG G . -12.06 10.86 15.39
C8 NAG G . -11.69 9.69 14.48
N2 NAG G . -11.07 11.40 16.11
O3 NAG G . -12.46 11.40 18.68
O4 NAG G . -10.73 11.78 20.93
O5 NAG G . -8.49 10.21 18.47
O6 NAG G . -6.77 10.14 20.45
O7 NAG G . -13.22 11.27 15.44
C1 CIT H . 29.10 15.18 34.33
O1 CIT H . 28.49 14.16 34.54
O2 CIT H . 30.33 15.11 33.82
C2 CIT H . 28.52 16.55 34.67
C3 CIT H . 27.10 16.57 35.27
O7 CIT H . 27.07 15.80 36.49
C4 CIT H . 26.74 18.06 35.54
C5 CIT H . 25.38 18.30 36.18
O3 CIT H . 24.65 17.38 36.47
O4 CIT H . 24.99 19.56 36.44
C6 CIT H . 26.10 15.98 34.24
O5 CIT H . 25.44 15.00 34.52
O6 CIT H . 25.96 16.55 33.04
C1 CIT I . 23.32 24.87 12.35
O1 CIT I . 22.91 24.02 11.53
O2 CIT I . 23.22 26.11 12.05
C2 CIT I . 24.00 24.56 13.63
C3 CIT I . 24.10 23.14 14.00
O7 CIT I . 24.49 22.34 12.90
C4 CIT I . 25.12 23.24 15.12
C5 CIT I . 25.73 21.84 15.67
O3 CIT I . 25.40 20.69 15.23
O4 CIT I . 26.71 21.83 16.63
C6 CIT I . 22.78 22.61 14.67
O5 CIT I . 22.30 21.67 14.24
O6 CIT I . 22.21 23.29 15.69
#